data_3RNF
#
_entry.id   3RNF
#
_cell.length_a   183.340
_cell.length_b   183.340
_cell.length_c   68.370
_cell.angle_alpha   90.00
_cell.angle_beta   90.00
_cell.angle_gamma   120.00
#
_symmetry.space_group_name_H-M   'P 31 2 1'
#
loop_
_entity.id
_entity.type
_entity.pdbx_description
1 polymer 'Toluene o-xylene monooxygenase component'
2 polymer 'Toluene o-xylene monooxygenase component'
3 polymer 'Toluene o-xylene monooxygenase component'
4 non-polymer 1,2-ETHANEDIOL
5 non-polymer 'FE (III) ION'
6 non-polymer 'PENTAETHYLENE GLYCOL'
7 water water
#
loop_
_entity_poly.entity_id
_entity_poly.type
_entity_poly.pdbx_seq_one_letter_code
_entity_poly.pdbx_strand_id
1 'polypeptide(L)'
;MSMLKREDWYDLTRTTNWTPKYVTENELFPEEMSGARGISMEAWEKYDEPYKITYPEYVSIQREKDSGAYSIKAALERDG
FVDRADPGWVSTMQLHFGAIALEEYAASTAEARMARFAKAPGNRNMATFGMMDENRHGQIQLYFPYANVKRSRKWDWAHK
AIHTNEWAAIAARSFFDDMMMTRDSVAVSIMLTFAFETGFSNMQFLGLAADAAEAGDHTFASLISSIQTDESRHAQQGGP
SLKILVENGKKDEAQQMVDVAIWRSWKLFSALTGPIMDYYTPLESRNQSFKEFMLEWIVAQFERQLLDLGLDKPWYWDQF
MQDLDETHHGMHLGVWYWRPTVWWDPAAGVSPEEREWLEEKYPGWNDTWGQCWDVITDNLVNGKPELTVPETLPTICNMC
NLPIAHTPGNKWNVKDYQLEYEGRLYHFGSEADRWCFQIDPERYKNHTNLVDRFLKGEIQPADLAGALMYMSLEPGVMGD
DAHDYEWVKAYQKKTNAA
;
A
2 'polypeptide(L)'
;MSEQQPEALKPLKTWSHLAGNRRRPSEYEVVSTNLHYFTDNPERPWELDSNLPMQTWYKKYCFDSPLKHDDWNAFRDPDQ
LVYRTYNLLQDGQESYVQGLFDQLNDRGHDQMLTREWVETLARFYTPARYLFHALQMGSVYIHQIAPASTITNCATYETA
DHLRWLTHTAYRTRELANCYPDVGFGKRERDVWENDPAWQGFRELIEKALIAWDWGEAFTAINLVTKPAVEEALLQQLGS
LAQSEGDTLLGLLAQAQKRDAERHRRWSSALVKMALEKEGNREVLQKWVAKWEPLADKAIEAYCSALPDGENAIVEAKSA
SRYVRQMMGL
;
B
3 'polypeptide(L)'
;MATFPIMSNFERDFVIQLVPVDTEDTMDQVAEKCAYHSINRRVHPQPEKILRVRRHEDGTLFPRGMIVSDAGLRPTETLD
IIFMDN
;
C
#
loop_
_chem_comp.id
_chem_comp.type
_chem_comp.name
_chem_comp.formula
1PE non-polymer 'PENTAETHYLENE GLYCOL' 'C10 H22 O6'
EDO non-polymer 1,2-ETHANEDIOL 'C2 H6 O2'
FE non-polymer 'FE (III) ION' 'Fe 3'
#
# COMPACT_ATOMS: atom_id res chain seq x y z
N SER A 2 34.79 3.77 22.46
CA SER A 2 33.48 3.29 23.02
C SER A 2 32.30 3.88 22.21
N MET A 3 31.13 3.24 22.34
CA MET A 3 29.87 3.70 21.74
C MET A 3 28.92 4.24 22.81
N LEU A 4 28.19 5.30 22.49
CA LEU A 4 26.98 5.68 23.29
C LEU A 4 25.92 4.60 23.32
N LYS A 5 25.04 4.70 24.32
CA LYS A 5 23.82 3.90 24.39
C LYS A 5 22.74 4.61 23.61
N ARG A 6 21.87 3.84 22.94
CA ARG A 6 20.83 4.39 22.07
C ARG A 6 20.03 5.50 22.78
N GLU A 7 19.57 5.22 24.00
CA GLU A 7 18.70 6.13 24.73
C GLU A 7 19.32 7.51 24.97
N ASP A 8 20.65 7.57 25.06
CA ASP A 8 21.28 8.85 25.38
C ASP A 8 21.25 9.86 24.24
N TRP A 9 21.10 9.39 22.99
CA TRP A 9 21.11 10.32 21.87
C TRP A 9 19.86 10.20 20.95
N TYR A 10 19.01 9.20 21.18
CA TYR A 10 17.91 8.90 20.31
C TYR A 10 17.03 10.10 20.08
N ASP A 11 16.68 10.84 21.11
CA ASP A 11 15.81 12.01 20.92
C ASP A 11 16.28 13.08 19.90
N LEU A 12 17.58 13.28 19.78
CA LEU A 12 18.11 14.22 18.80
C LEU A 12 17.82 13.76 17.33
N THR A 13 17.68 12.47 17.10
CA THR A 13 17.30 12.04 15.73
C THR A 13 15.92 12.58 15.33
N ARG A 14 14.99 12.79 16.29
CA ARG A 14 13.67 13.34 15.96
C ARG A 14 13.38 14.77 16.56
N THR A 15 14.45 15.54 16.79
CA THR A 15 14.34 16.92 17.19
C THR A 15 14.59 17.72 15.91
N THR A 16 13.58 17.69 15.02
CA THR A 16 13.76 18.17 13.64
C THR A 16 12.70 19.21 13.23
N ASN A 17 11.75 19.50 14.06
CA ASN A 17 10.75 20.53 13.69
C ASN A 17 11.38 21.91 13.88
N TRP A 18 11.01 22.85 13.02
CA TRP A 18 11.47 24.24 13.13
C TRP A 18 10.30 25.14 12.66
N THR A 19 10.41 26.45 12.84
CA THR A 19 9.31 27.40 12.62
C THR A 19 9.63 28.04 11.29
N PRO A 20 8.92 27.65 10.21
CA PRO A 20 9.28 28.15 8.87
C PRO A 20 9.04 29.65 8.80
N LYS A 21 9.81 30.32 7.95
CA LYS A 21 9.75 31.77 7.85
C LYS A 21 9.71 32.25 6.39
N TYR A 22 10.30 31.49 5.48
CA TYR A 22 10.33 31.93 4.11
C TYR A 22 9.07 31.43 3.35
N VAL A 23 8.29 30.54 4.00
CA VAL A 23 7.04 30.02 3.45
C VAL A 23 6.24 29.89 4.71
N THR A 24 4.92 29.73 4.60
CA THR A 24 4.15 29.59 5.85
C THR A 24 4.04 28.11 6.27
N GLU A 25 3.58 27.89 7.49
CA GLU A 25 3.40 26.55 8.00
C GLU A 25 2.40 25.76 7.16
N ASN A 26 1.31 26.44 6.72
CA ASN A 26 0.25 25.78 5.92
C ASN A 26 0.70 25.49 4.56
N GLU A 27 1.61 26.30 4.01
CA GLU A 27 2.20 25.96 2.73
C GLU A 27 3.14 24.74 2.82
N LEU A 28 4.01 24.70 3.83
CA LEU A 28 4.95 23.61 4.05
C LEU A 28 4.23 22.28 4.42
N PHE A 29 3.12 22.38 5.17
CA PHE A 29 2.32 21.22 5.56
C PHE A 29 0.84 21.39 5.12
N PRO A 30 0.59 21.27 3.79
CA PRO A 30 -0.81 21.51 3.36
C PRO A 30 -1.77 20.55 4.10
N GLU A 31 -2.86 21.08 4.61
CA GLU A 31 -3.76 20.32 5.47
C GLU A 31 -4.28 19.01 4.78
N GLU A 32 -4.49 19.06 3.44
CA GLU A 32 -4.98 17.88 2.73
C GLU A 32 -3.93 16.74 2.69
N MET A 33 -2.64 17.07 2.86
CA MET A 33 -1.59 16.04 2.94
C MET A 33 -1.20 15.69 4.39
N SER A 34 -1.27 16.66 5.34
CA SER A 34 -0.76 16.44 6.73
C SER A 34 -1.79 16.03 7.67
N GLY A 35 -2.96 16.60 7.54
CA GLY A 35 -4.04 16.25 8.42
C GLY A 35 -3.80 16.59 9.89
N ALA A 36 -3.09 17.67 10.13
CA ALA A 36 -2.82 18.11 11.52
C ALA A 36 -4.10 18.52 12.28
N ARG A 37 -5.15 18.87 11.57
CA ARG A 37 -6.53 18.98 12.18
C ARG A 37 -6.67 20.09 13.28
N GLY A 38 -5.97 21.18 13.06
CA GLY A 38 -5.98 22.35 13.94
C GLY A 38 -5.16 22.12 15.20
N ILE A 39 -4.59 20.92 15.39
CA ILE A 39 -3.71 20.62 16.54
C ILE A 39 -2.29 21.14 16.21
N SER A 40 -1.68 21.90 17.12
CA SER A 40 -0.44 22.60 16.84
C SER A 40 0.77 21.68 16.69
N MET A 41 1.76 22.20 15.99
CA MET A 41 3.09 21.58 15.91
C MET A 41 3.59 21.10 17.30
N GLU A 42 3.55 21.98 18.28
CA GLU A 42 3.97 21.62 19.65
C GLU A 42 3.23 20.41 20.28
N ALA A 43 1.93 20.33 20.08
CA ALA A 43 1.11 19.24 20.59
C ALA A 43 1.41 17.94 19.83
N TRP A 44 1.68 18.06 18.50
CA TRP A 44 2.15 16.88 17.69
C TRP A 44 3.50 16.32 18.10
N GLU A 45 4.38 17.18 18.67
CA GLU A 45 5.68 16.70 19.20
C GLU A 45 5.59 15.79 20.45
N LYS A 46 4.41 15.67 21.03
CA LYS A 46 4.20 14.68 22.11
C LYS A 46 4.22 13.24 21.54
N TYR A 47 4.11 13.11 20.20
CA TYR A 47 4.16 11.79 19.57
C TYR A 47 5.40 11.03 20.03
N ASP A 48 5.22 9.82 20.56
CA ASP A 48 6.31 9.03 21.05
C ASP A 48 6.19 7.53 20.70
N GLU A 49 6.82 7.13 19.60
CA GLU A 49 6.70 5.76 19.16
C GLU A 49 7.25 4.81 20.22
N PRO A 50 6.54 3.70 20.52
CA PRO A 50 7.12 2.85 21.58
C PRO A 50 8.24 1.93 21.13
N TYR A 51 8.33 1.55 19.85
CA TYR A 51 9.45 0.70 19.37
C TYR A 51 10.46 1.55 18.61
N LYS A 52 11.65 1.71 19.17
CA LYS A 52 12.61 2.68 18.63
C LYS A 52 13.65 1.96 17.80
N ILE A 53 14.22 2.60 16.79
CA ILE A 53 15.31 1.98 16.04
C ILE A 53 16.05 3.10 15.29
N THR A 54 17.34 2.86 14.96
CA THR A 54 18.13 3.87 14.31
C THR A 54 18.70 3.31 13.04
N TYR A 55 19.16 4.19 12.17
CA TYR A 55 19.70 3.76 10.87
C TYR A 55 20.70 2.58 10.91
N PRO A 56 21.79 2.64 11.72
CA PRO A 56 22.73 1.53 11.69
C PRO A 56 22.16 0.24 12.22
N GLU A 57 21.28 0.29 13.23
CA GLU A 57 20.59 -0.94 13.66
C GLU A 57 19.72 -1.48 12.50
N TYR A 58 19.04 -0.60 11.76
CA TYR A 58 18.12 -1.04 10.70
C TYR A 58 18.88 -1.82 9.63
N VAL A 59 19.90 -1.23 9.06
CA VAL A 59 20.59 -1.82 7.92
C VAL A 59 21.28 -3.11 8.30
N SER A 60 21.75 -3.21 9.53
CA SER A 60 22.40 -4.45 9.99
C SER A 60 21.34 -5.57 10.21
N ILE A 61 20.26 -5.28 10.97
CA ILE A 61 19.24 -6.29 11.27
C ILE A 61 18.56 -6.72 9.93
N GLN A 62 18.36 -5.79 8.99
CA GLN A 62 17.59 -6.11 7.78
C GLN A 62 18.45 -6.83 6.75
N ARG A 63 19.76 -6.54 6.74
CA ARG A 63 20.71 -7.28 5.93
C ARG A 63 20.62 -8.77 6.32
N GLU A 64 20.69 -9.06 7.63
CA GLU A 64 20.65 -10.43 8.09
C GLU A 64 19.32 -11.12 7.75
N LYS A 65 18.20 -10.39 7.77
CA LYS A 65 16.88 -10.98 7.33
C LYS A 65 16.89 -11.48 5.89
N ASP A 66 17.37 -10.66 4.96
CA ASP A 66 17.43 -11.10 3.61
C ASP A 66 18.46 -12.24 3.40
N SER A 67 19.62 -12.16 4.06
CA SER A 67 20.58 -13.21 3.94
C SER A 67 19.88 -14.54 4.18
N GLY A 68 19.12 -14.63 5.28
CA GLY A 68 18.44 -15.83 5.72
C GLY A 68 17.36 -16.29 4.78
N ALA A 69 16.41 -15.38 4.41
CA ALA A 69 15.28 -15.70 3.51
C ALA A 69 15.75 -16.08 2.08
N TYR A 70 16.67 -15.32 1.51
CA TYR A 70 17.15 -15.63 0.15
C TYR A 70 18.02 -16.90 0.15
N SER A 71 18.75 -17.17 1.24
CA SER A 71 19.50 -18.42 1.35
C SER A 71 18.56 -19.65 1.39
N ILE A 72 17.47 -19.56 2.17
CA ILE A 72 16.49 -20.64 2.28
C ILE A 72 15.96 -20.88 0.86
N LYS A 73 15.61 -19.80 0.16
CA LYS A 73 14.94 -19.94 -1.09
C LYS A 73 15.89 -20.68 -2.04
N ALA A 74 17.15 -20.22 -2.11
CA ALA A 74 18.13 -20.81 -2.99
C ALA A 74 18.44 -22.28 -2.64
N ALA A 75 18.49 -22.67 -1.36
CA ALA A 75 18.79 -24.05 -0.99
C ALA A 75 17.66 -25.04 -1.40
N LEU A 76 16.39 -24.54 -1.41
CA LEU A 76 15.20 -25.38 -1.62
C LEU A 76 14.69 -25.32 -3.07
N GLU A 77 15.29 -24.47 -3.90
CA GLU A 77 14.66 -24.17 -5.18
C GLU A 77 14.66 -25.39 -6.15
N ARG A 78 15.76 -26.15 -6.18
CA ARG A 78 15.86 -27.31 -7.06
C ARG A 78 14.94 -28.47 -6.63
N ASP A 79 14.52 -28.50 -5.38
CA ASP A 79 13.65 -29.56 -4.94
C ASP A 79 12.26 -29.45 -5.55
N GLY A 80 11.92 -28.28 -6.10
CA GLY A 80 10.62 -28.06 -6.74
C GLY A 80 9.40 -28.45 -5.91
N PHE A 81 9.36 -28.07 -4.64
CA PHE A 81 8.19 -28.39 -3.83
C PHE A 81 6.83 -27.95 -4.46
N VAL A 82 6.85 -26.81 -5.14
CA VAL A 82 5.64 -26.22 -5.73
C VAL A 82 4.95 -27.27 -6.71
N ASP A 83 5.76 -28.08 -7.44
CA ASP A 83 5.22 -29.15 -8.35
C ASP A 83 4.57 -30.34 -7.68
N ARG A 84 4.67 -30.47 -6.37
CA ARG A 84 3.96 -31.55 -5.68
C ARG A 84 3.09 -31.13 -4.52
N ALA A 85 3.05 -29.82 -4.27
CA ALA A 85 2.16 -29.24 -3.29
C ALA A 85 0.67 -29.50 -3.57
N ASP A 86 -0.11 -29.60 -2.50
CA ASP A 86 -1.54 -29.62 -2.61
C ASP A 86 -2.01 -28.45 -3.49
N PRO A 87 -2.91 -28.72 -4.44
CA PRO A 87 -3.27 -27.62 -5.34
C PRO A 87 -4.10 -26.53 -4.66
N GLY A 88 -4.79 -26.81 -3.55
CA GLY A 88 -5.33 -25.72 -2.73
C GLY A 88 -4.24 -24.76 -2.18
N TRP A 89 -3.06 -25.32 -1.84
CA TRP A 89 -1.86 -24.56 -1.46
C TRP A 89 -1.24 -23.74 -2.63
N VAL A 90 -1.10 -24.34 -3.82
CA VAL A 90 -0.66 -23.57 -4.93
C VAL A 90 -1.58 -22.39 -5.14
N SER A 91 -2.90 -22.62 -5.09
CA SER A 91 -3.85 -21.57 -5.33
C SER A 91 -3.72 -20.46 -4.27
N THR A 92 -3.51 -20.85 -3.00
CA THR A 92 -3.34 -19.91 -1.91
C THR A 92 -2.18 -18.94 -2.21
N MET A 93 -1.08 -19.46 -2.75
CA MET A 93 0.05 -18.61 -3.04
C MET A 93 -0.21 -17.73 -4.25
N GLN A 94 -0.86 -18.27 -5.27
CA GLN A 94 -1.08 -17.46 -6.49
C GLN A 94 -2.01 -16.28 -6.17
N LEU A 95 -3.03 -16.55 -5.37
CA LEU A 95 -3.92 -15.49 -4.87
C LEU A 95 -3.10 -14.47 -4.05
N HIS A 96 -2.33 -14.94 -3.08
CA HIS A 96 -1.54 -14.08 -2.20
C HIS A 96 -0.65 -13.11 -3.01
N PHE A 97 0.21 -13.65 -3.87
CA PHE A 97 1.11 -12.82 -4.62
C PHE A 97 0.39 -11.79 -5.50
N GLY A 98 -0.68 -12.21 -6.18
CA GLY A 98 -1.41 -11.30 -7.06
C GLY A 98 -2.07 -10.16 -6.31
N ALA A 99 -2.74 -10.47 -5.21
CA ALA A 99 -3.45 -9.47 -4.46
C ALA A 99 -2.56 -8.49 -3.68
N ILE A 100 -1.35 -8.91 -3.32
CA ILE A 100 -0.56 -8.19 -2.31
C ILE A 100 0.75 -7.54 -2.82
N ALA A 101 1.48 -8.17 -3.73
CA ALA A 101 2.83 -7.66 -4.05
C ALA A 101 2.89 -6.22 -4.43
N LEU A 102 2.03 -5.78 -5.37
CA LEU A 102 2.02 -4.37 -5.77
C LEU A 102 1.39 -3.42 -4.75
N GLU A 103 0.50 -3.93 -3.87
CA GLU A 103 -0.05 -3.13 -2.79
C GLU A 103 0.95 -2.91 -1.67
N GLU A 104 1.77 -3.92 -1.34
CA GLU A 104 2.94 -3.75 -0.46
C GLU A 104 3.80 -2.63 -1.04
N TYR A 105 4.12 -2.72 -2.32
CA TYR A 105 4.96 -1.67 -2.90
C TYR A 105 4.29 -0.28 -2.85
N ALA A 106 3.00 -0.25 -3.18
CA ALA A 106 2.23 0.99 -3.16
C ALA A 106 2.21 1.57 -1.74
N ALA A 107 2.35 0.70 -0.75
CA ALA A 107 2.36 1.13 0.64
C ALA A 107 3.53 2.07 0.91
N SER A 108 4.70 1.73 0.36
CA SER A 108 5.88 2.55 0.52
C SER A 108 5.56 4.02 0.30
N THR A 109 4.65 4.29 -0.62
CA THR A 109 4.22 5.66 -0.92
C THR A 109 3.33 6.15 0.22
N ALA A 110 2.49 5.26 0.71
CA ALA A 110 1.64 5.59 1.85
C ALA A 110 2.58 5.97 3.05
N GLU A 111 3.66 5.24 3.22
CA GLU A 111 4.69 5.59 4.25
C GLU A 111 5.36 6.92 3.90
N ALA A 112 5.72 7.08 2.63
CA ALA A 112 6.35 8.33 2.21
C ALA A 112 5.41 9.50 2.49
N ARG A 113 4.08 9.31 2.35
CA ARG A 113 3.12 10.41 2.66
C ARG A 113 3.35 10.90 4.12
N MET A 114 3.43 9.97 5.08
CA MET A 114 3.69 10.37 6.51
C MET A 114 5.13 10.92 6.68
N ALA A 115 6.08 10.42 5.87
CA ALA A 115 7.49 10.80 6.10
C ALA A 115 7.66 12.26 5.76
N ARG A 116 6.87 12.74 4.80
CA ARG A 116 6.99 14.12 4.33
C ARG A 116 6.07 15.02 5.13
N PHE A 117 4.86 14.56 5.37
CA PHE A 117 3.79 15.44 5.77
C PHE A 117 3.35 15.39 7.22
N ALA A 118 3.79 14.40 8.00
CA ALA A 118 3.40 14.37 9.40
C ALA A 118 4.05 15.51 10.19
N LYS A 119 3.26 16.20 11.04
CA LYS A 119 3.88 17.21 11.90
C LYS A 119 4.67 16.62 13.04
N ALA A 120 4.42 15.34 13.36
CA ALA A 120 5.11 14.62 14.44
C ALA A 120 6.47 14.09 13.96
N PRO A 121 7.59 14.65 14.47
CA PRO A 121 8.88 14.29 13.85
C PRO A 121 9.23 12.82 14.04
N GLY A 122 8.82 12.20 15.16
CA GLY A 122 9.08 10.79 15.35
C GLY A 122 8.30 9.96 14.33
N ASN A 123 7.10 10.43 13.90
CA ASN A 123 6.31 9.75 12.88
C ASN A 123 7.10 9.86 11.59
N ARG A 124 7.73 11.01 11.29
CA ARG A 124 8.39 11.15 9.97
C ARG A 124 9.53 10.17 9.79
N ASN A 125 10.30 9.97 10.86
CA ASN A 125 11.43 9.03 10.79
C ASN A 125 10.97 7.58 10.81
N MET A 126 10.02 7.22 11.68
CA MET A 126 9.53 5.79 11.64
C MET A 126 8.88 5.45 10.27
N ALA A 127 8.23 6.44 9.65
CA ALA A 127 7.60 6.21 8.33
C ALA A 127 8.71 6.11 7.24
N THR A 128 9.89 6.72 7.46
CA THR A 128 11.08 6.52 6.54
C THR A 128 11.52 5.05 6.63
N PHE A 129 11.57 4.47 7.84
CA PHE A 129 11.81 3.01 7.96
C PHE A 129 10.65 2.20 7.41
N GLY A 130 9.44 2.67 7.65
CA GLY A 130 8.25 2.04 7.13
C GLY A 130 8.32 2.05 5.61
N MET A 131 8.76 3.15 5.01
CA MET A 131 8.87 3.19 3.54
C MET A 131 9.85 2.13 3.03
N MET A 132 10.99 2.01 3.74
CA MET A 132 11.99 0.97 3.45
C MET A 132 11.41 -0.41 3.63
N ASP A 133 10.64 -0.62 4.69
CA ASP A 133 10.03 -1.95 4.89
C ASP A 133 9.13 -2.39 3.76
N GLU A 134 8.32 -1.49 3.21
CA GLU A 134 7.36 -1.91 2.21
C GLU A 134 8.06 -2.02 0.82
N ASN A 135 9.14 -1.26 0.64
CA ASN A 135 10.01 -1.43 -0.56
C ASN A 135 10.48 -2.93 -0.53
N ARG A 136 10.96 -3.39 0.64
CA ARG A 136 11.42 -4.75 0.80
C ARG A 136 10.25 -5.69 0.47
N HIS A 137 9.09 -5.46 1.05
CA HIS A 137 7.97 -6.42 0.92
C HIS A 137 7.50 -6.53 -0.49
N GLY A 138 7.41 -5.40 -1.18
CA GLY A 138 7.04 -5.43 -2.58
C GLY A 138 8.12 -6.19 -3.35
N GLN A 139 9.40 -5.96 -3.04
CA GLN A 139 10.43 -6.57 -3.91
C GLN A 139 10.53 -8.08 -3.73
N ILE A 140 10.54 -8.48 -2.47
CA ILE A 140 10.80 -9.88 -2.16
C ILE A 140 9.57 -10.73 -2.58
N GLN A 141 8.37 -10.13 -2.54
CA GLN A 141 7.16 -10.77 -2.99
C GLN A 141 6.95 -10.74 -4.51
N LEU A 142 7.95 -10.21 -5.23
CA LEU A 142 8.05 -10.30 -6.70
C LEU A 142 9.15 -11.32 -7.00
N TYR A 143 10.25 -11.26 -6.28
CA TYR A 143 11.40 -12.15 -6.55
C TYR A 143 11.06 -13.63 -6.28
N PHE A 144 10.29 -13.87 -5.21
CA PHE A 144 9.91 -15.25 -4.85
C PHE A 144 9.00 -15.92 -5.90
N PRO A 145 7.90 -15.26 -6.30
CA PRO A 145 7.02 -15.97 -7.23
C PRO A 145 7.62 -16.05 -8.63
N TYR A 146 8.53 -15.14 -8.96
CA TYR A 146 9.21 -15.12 -10.22
C TYR A 146 9.89 -16.45 -10.50
N ALA A 147 10.30 -17.15 -9.44
CA ALA A 147 10.88 -18.47 -9.64
C ALA A 147 9.92 -19.43 -10.38
N ASN A 148 8.62 -19.12 -10.43
CA ASN A 148 7.58 -20.05 -10.92
C ASN A 148 6.97 -19.67 -12.26
N VAL A 149 7.43 -18.59 -12.88
CA VAL A 149 6.78 -18.08 -14.10
C VAL A 149 6.66 -19.14 -15.23
N LYS A 150 7.69 -19.97 -15.35
CA LYS A 150 7.72 -21.10 -16.31
C LYS A 150 6.76 -22.24 -15.95
N ARG A 151 6.31 -22.26 -14.71
CA ARG A 151 5.39 -23.29 -14.24
C ARG A 151 3.97 -23.04 -14.74
N SER A 152 3.62 -21.76 -14.90
CA SER A 152 2.30 -21.39 -15.37
C SER A 152 2.14 -19.87 -15.44
N ARG A 153 1.22 -19.41 -16.27
CA ARG A 153 0.97 -17.99 -16.43
C ARG A 153 0.51 -17.35 -15.12
N LYS A 154 -0.42 -18.03 -14.44
CA LYS A 154 -0.94 -17.56 -13.17
C LYS A 154 0.11 -16.76 -12.39
N TRP A 155 1.34 -17.27 -12.35
CA TRP A 155 2.43 -16.60 -11.60
C TRP A 155 2.77 -15.23 -12.20
N ASP A 156 2.45 -14.98 -13.47
CA ASP A 156 2.70 -13.65 -14.00
C ASP A 156 1.79 -12.63 -13.25
N TRP A 157 0.69 -13.10 -12.69
CA TRP A 157 -0.27 -12.19 -12.02
C TRP A 157 0.27 -11.62 -10.70
N ALA A 158 1.36 -12.18 -10.19
CA ALA A 158 2.11 -11.57 -9.08
C ALA A 158 2.47 -10.13 -9.44
N HIS A 159 2.91 -9.93 -10.70
CA HIS A 159 3.12 -8.57 -11.21
C HIS A 159 1.85 -7.94 -11.84
N LYS A 160 1.06 -8.73 -12.57
CA LYS A 160 0.06 -8.18 -13.50
C LYS A 160 -1.27 -7.77 -12.83
N ALA A 161 -1.69 -8.49 -11.80
CA ALA A 161 -3.08 -8.37 -11.27
C ALA A 161 -3.57 -6.97 -11.03
N ILE A 162 -2.79 -6.22 -10.25
CA ILE A 162 -3.19 -4.84 -9.87
C ILE A 162 -3.16 -3.86 -11.03
N HIS A 163 -2.57 -4.28 -12.16
CA HIS A 163 -2.70 -3.55 -13.43
C HIS A 163 -3.93 -3.94 -14.25
N THR A 164 -4.80 -4.78 -13.71
CA THR A 164 -5.99 -5.18 -14.46
C THR A 164 -7.29 -4.65 -13.85
N ASN A 165 -8.40 -4.80 -14.63
CA ASN A 165 -9.77 -4.63 -14.09
C ASN A 165 -10.51 -5.91 -13.69
N GLU A 166 -9.74 -6.93 -13.35
CA GLU A 166 -10.32 -8.14 -12.90
C GLU A 166 -10.94 -7.79 -11.53
N TRP A 167 -12.07 -8.41 -11.15
CA TRP A 167 -12.90 -7.76 -10.11
C TRP A 167 -12.21 -7.83 -8.78
N ALA A 168 -11.43 -8.88 -8.55
CA ALA A 168 -10.75 -8.96 -7.23
C ALA A 168 -9.67 -7.88 -7.09
N ALA A 169 -9.00 -7.56 -8.17
CA ALA A 169 -7.99 -6.49 -8.19
C ALA A 169 -8.65 -5.12 -7.91
N ILE A 170 -9.83 -4.90 -8.51
CA ILE A 170 -10.56 -3.67 -8.28
C ILE A 170 -10.94 -3.55 -6.77
N ALA A 171 -11.42 -4.64 -6.17
CA ALA A 171 -11.75 -4.67 -4.73
C ALA A 171 -10.50 -4.39 -3.87
N ALA A 172 -9.33 -4.89 -4.32
CA ALA A 172 -8.07 -4.63 -3.63
C ALA A 172 -7.70 -3.17 -3.70
N ARG A 173 -7.67 -2.58 -4.91
CA ARG A 173 -7.32 -1.14 -5.03
C ARG A 173 -8.34 -0.28 -4.32
N SER A 174 -9.60 -0.70 -4.32
CA SER A 174 -10.65 0.11 -3.75
C SER A 174 -10.33 0.25 -2.24
N PHE A 175 -10.01 -0.87 -1.63
CA PHE A 175 -9.63 -0.90 -0.21
C PHE A 175 -8.33 -0.07 0.00
N PHE A 176 -7.23 -0.46 -0.66
CA PHE A 176 -5.95 0.20 -0.43
C PHE A 176 -5.90 1.69 -0.83
N ASP A 177 -6.51 2.09 -1.92
CA ASP A 177 -6.47 3.49 -2.31
C ASP A 177 -7.21 4.30 -1.27
N ASP A 178 -8.25 3.74 -0.69
CA ASP A 178 -9.05 4.50 0.26
C ASP A 178 -8.33 4.59 1.63
N MET A 179 -7.78 3.50 2.18
CA MET A 179 -7.08 3.52 3.48
C MET A 179 -5.76 4.29 3.43
N MET A 180 -5.01 4.16 2.34
CA MET A 180 -3.63 4.62 2.45
C MET A 180 -3.07 5.52 1.35
N MET A 181 -3.71 5.58 0.17
CA MET A 181 -3.14 6.34 -0.94
C MET A 181 -3.78 7.69 -1.12
N THR A 182 -4.99 7.89 -0.57
CA THR A 182 -5.76 9.12 -0.90
C THR A 182 -6.14 9.89 0.37
N ARG A 183 -5.38 9.67 1.43
CA ARG A 183 -5.65 10.29 2.68
C ARG A 183 -4.45 11.04 3.24
N ASP A 184 -4.76 11.99 4.14
CA ASP A 184 -3.77 12.79 4.82
C ASP A 184 -2.90 11.91 5.73
N SER A 185 -1.72 12.40 6.05
CA SER A 185 -0.70 11.65 6.85
C SER A 185 -1.29 10.99 8.16
N VAL A 186 -2.03 11.79 8.94
CA VAL A 186 -2.56 11.31 10.23
C VAL A 186 -3.58 10.24 9.93
N ALA A 187 -4.43 10.48 8.92
CA ALA A 187 -5.43 9.45 8.54
C ALA A 187 -4.77 8.17 8.12
N VAL A 188 -3.66 8.25 7.34
CA VAL A 188 -2.94 7.04 6.95
C VAL A 188 -2.43 6.34 8.22
N SER A 189 -1.83 7.09 9.19
CA SER A 189 -1.32 6.40 10.35
C SER A 189 -2.41 5.58 11.04
N ILE A 190 -3.61 6.13 11.16
CA ILE A 190 -4.72 5.46 11.82
C ILE A 190 -5.26 4.30 10.94
N MET A 191 -5.57 4.61 9.69
CA MET A 191 -6.41 3.74 8.89
C MET A 191 -5.64 2.54 8.35
N LEU A 192 -4.40 2.80 7.92
CA LEU A 192 -3.53 1.71 7.55
C LEU A 192 -2.78 1.06 8.72
N THR A 193 -1.96 1.81 9.48
CA THR A 193 -0.97 1.15 10.40
C THR A 193 -1.70 0.56 11.63
N PHE A 194 -2.68 1.29 12.15
CA PHE A 194 -3.43 0.83 13.33
C PHE A 194 -4.54 -0.16 12.97
N ALA A 195 -5.47 0.27 12.10
CA ALA A 195 -6.65 -0.56 11.83
C ALA A 195 -6.27 -1.80 11.03
N PHE A 196 -5.54 -1.62 9.92
CA PHE A 196 -5.25 -2.74 9.05
C PHE A 196 -3.96 -3.56 9.34
N GLU A 197 -2.81 -2.90 9.55
CA GLU A 197 -1.57 -3.64 9.80
C GLU A 197 -1.57 -4.16 11.22
N THR A 198 -1.80 -3.29 12.21
CA THR A 198 -1.81 -3.82 13.58
C THR A 198 -3.01 -4.75 13.69
N GLY A 199 -4.15 -4.38 13.08
CA GLY A 199 -5.43 -5.00 13.42
C GLY A 199 -5.64 -6.32 12.73
N PHE A 200 -5.12 -6.48 11.53
CA PHE A 200 -5.33 -7.70 10.78
C PHE A 200 -4.08 -8.36 10.21
N SER A 201 -3.26 -7.59 9.48
CA SER A 201 -2.29 -8.31 8.69
C SER A 201 -1.14 -8.90 9.52
N ASN A 202 -0.85 -8.29 10.66
CA ASN A 202 0.21 -8.77 11.54
C ASN A 202 -0.05 -10.19 12.02
N MET A 203 -1.29 -10.46 12.42
CA MET A 203 -1.67 -11.79 12.90
C MET A 203 -1.98 -12.72 11.74
N GLN A 204 -2.36 -12.14 10.59
CA GLN A 204 -2.68 -12.91 9.41
C GLN A 204 -1.43 -13.55 8.80
N PHE A 205 -0.31 -12.84 8.91
CA PHE A 205 0.97 -13.34 8.37
C PHE A 205 1.54 -14.41 9.30
N LEU A 206 1.36 -14.24 10.61
CA LEU A 206 1.69 -15.30 11.57
C LEU A 206 0.99 -16.62 11.28
N GLY A 207 -0.32 -16.55 11.02
CA GLY A 207 -1.10 -17.76 10.67
C GLY A 207 -0.70 -18.32 9.31
N LEU A 208 -0.49 -17.44 8.33
CA LEU A 208 -0.11 -17.87 7.01
C LEU A 208 1.25 -18.60 7.02
N ALA A 209 2.22 -18.06 7.76
CA ALA A 209 3.51 -18.76 7.92
C ALA A 209 3.40 -20.16 8.61
N ALA A 210 2.60 -20.27 9.67
CA ALA A 210 2.35 -21.59 10.30
C ALA A 210 1.67 -22.52 9.22
N ASP A 211 0.70 -22.02 8.44
CA ASP A 211 0.07 -22.85 7.43
C ASP A 211 1.03 -23.29 6.36
N ALA A 212 1.97 -22.42 5.98
CA ALA A 212 2.86 -22.80 4.93
C ALA A 212 3.76 -23.91 5.47
N ALA A 213 4.20 -23.81 6.73
CA ALA A 213 5.09 -24.88 7.25
C ALA A 213 4.30 -26.18 7.41
N GLU A 214 3.06 -26.11 7.94
CA GLU A 214 2.14 -27.28 7.92
C GLU A 214 1.96 -27.93 6.53
N ALA A 215 1.98 -27.14 5.44
CA ALA A 215 1.84 -27.68 4.09
C ALA A 215 3.15 -28.20 3.55
N GLY A 216 4.27 -27.97 4.25
CA GLY A 216 5.56 -28.46 3.79
C GLY A 216 6.29 -27.51 2.85
N ASP A 217 5.81 -26.22 2.75
CA ASP A 217 6.43 -25.17 1.92
C ASP A 217 7.33 -24.24 2.80
N HIS A 218 8.59 -24.62 2.95
CA HIS A 218 9.46 -23.87 3.89
C HIS A 218 10.01 -22.61 3.25
N THR A 219 10.07 -22.56 1.92
CA THR A 219 10.44 -21.33 1.23
C THR A 219 9.40 -20.24 1.62
N PHE A 220 8.13 -20.55 1.42
CA PHE A 220 7.08 -19.58 1.61
C PHE A 220 6.91 -19.36 3.11
N ALA A 221 7.15 -20.38 3.91
CA ALA A 221 6.98 -20.20 5.40
C ALA A 221 8.03 -19.17 5.88
N SER A 222 9.23 -19.28 5.32
CA SER A 222 10.32 -18.41 5.71
C SER A 222 10.17 -16.99 5.17
N LEU A 223 9.76 -16.86 3.91
CA LEU A 223 9.35 -15.59 3.34
C LEU A 223 8.31 -14.85 4.24
N ILE A 224 7.17 -15.47 4.49
CA ILE A 224 6.09 -14.77 5.22
C ILE A 224 6.53 -14.46 6.62
N SER A 225 7.17 -15.44 7.25
CA SER A 225 7.66 -15.27 8.57
C SER A 225 8.67 -14.11 8.68
N SER A 226 9.59 -13.99 7.74
CA SER A 226 10.57 -12.86 7.77
C SER A 226 9.88 -11.46 7.60
N ILE A 227 8.87 -11.40 6.72
CA ILE A 227 8.17 -10.17 6.44
C ILE A 227 7.40 -9.79 7.68
N GLN A 228 6.77 -10.75 8.33
CA GLN A 228 5.99 -10.47 9.52
C GLN A 228 6.83 -9.81 10.59
N THR A 229 8.10 -10.17 10.75
CA THR A 229 8.91 -9.58 11.83
C THR A 229 9.18 -8.07 11.57
N ASP A 230 8.93 -7.56 10.35
CA ASP A 230 9.11 -6.09 10.09
C ASP A 230 7.90 -5.27 10.53
N GLU A 231 6.75 -5.93 10.65
CA GLU A 231 5.44 -5.24 10.70
C GLU A 231 5.41 -4.22 11.83
N SER A 232 5.72 -4.67 13.05
CA SER A 232 5.43 -3.84 14.24
C SER A 232 6.26 -2.51 14.18
N ARG A 233 7.43 -2.54 13.54
CA ARG A 233 8.27 -1.32 13.44
C ARG A 233 7.52 -0.13 12.81
N HIS A 234 6.64 -0.41 11.88
CA HIS A 234 5.89 0.64 11.24
C HIS A 234 4.41 0.56 11.55
N ALA A 235 3.88 -0.63 11.89
CA ALA A 235 2.46 -0.76 12.28
C ALA A 235 2.10 0.06 13.54
N GLN A 236 3.08 0.31 14.41
CA GLN A 236 2.93 1.06 15.66
C GLN A 236 2.55 2.53 15.43
N GLN A 237 2.57 3.03 14.19
CA GLN A 237 2.50 4.47 14.05
C GLN A 237 1.12 5.10 14.32
N GLY A 238 0.03 4.32 14.23
CA GLY A 238 -1.29 4.92 14.43
C GLY A 238 -1.65 5.19 15.91
N GLY A 239 -1.21 4.33 16.81
CA GLY A 239 -1.55 4.44 18.27
C GLY A 239 -1.27 5.83 18.83
N PRO A 240 -0.03 6.30 18.69
CA PRO A 240 0.31 7.67 19.13
C PRO A 240 -0.45 8.79 18.43
N SER A 241 -0.83 8.61 17.14
CA SER A 241 -1.60 9.63 16.44
C SER A 241 -2.98 9.65 17.09
N LEU A 242 -3.52 8.48 17.40
CA LEU A 242 -4.84 8.37 17.98
C LEU A 242 -4.87 8.96 19.42
N LYS A 243 -3.84 8.73 20.22
CA LYS A 243 -3.72 9.39 21.54
C LYS A 243 -3.73 10.89 21.41
N ILE A 244 -2.98 11.43 20.45
CA ILE A 244 -2.97 12.87 20.28
C ILE A 244 -4.35 13.41 19.89
N LEU A 245 -5.03 12.70 18.99
CA LEU A 245 -6.35 13.21 18.55
C LEU A 245 -7.40 13.20 19.71
N VAL A 246 -7.42 12.13 20.48
CA VAL A 246 -8.25 11.98 21.66
C VAL A 246 -7.93 13.05 22.81
N GLU A 247 -6.65 13.25 23.16
CA GLU A 247 -6.22 14.30 24.08
C GLU A 247 -6.49 15.72 23.62
N ASN A 248 -6.72 15.94 22.34
CA ASN A 248 -6.87 17.29 21.89
C ASN A 248 -8.26 17.58 21.30
N GLY A 249 -9.30 16.96 21.84
CA GLY A 249 -10.66 17.26 21.43
C GLY A 249 -11.08 16.69 20.06
N LYS A 250 -10.46 15.58 19.61
CA LYS A 250 -10.86 15.01 18.30
C LYS A 250 -11.19 13.54 18.36
N LYS A 251 -11.66 13.10 19.51
CA LYS A 251 -12.04 11.72 19.67
C LYS A 251 -13.10 11.27 18.65
N ASP A 252 -14.11 12.12 18.36
CA ASP A 252 -15.12 11.73 17.37
C ASP A 252 -14.49 11.48 15.96
N GLU A 253 -13.58 12.33 15.51
CA GLU A 253 -12.94 12.14 14.21
C GLU A 253 -12.08 10.89 14.22
N ALA A 254 -11.38 10.67 15.32
CA ALA A 254 -10.53 9.50 15.48
C ALA A 254 -11.40 8.23 15.41
N GLN A 255 -12.48 8.20 16.21
CA GLN A 255 -13.46 7.08 16.19
C GLN A 255 -13.96 6.78 14.74
N GLN A 256 -14.46 7.81 14.09
CA GLN A 256 -14.96 7.61 12.76
C GLN A 256 -13.92 6.97 11.80
N MET A 257 -12.66 7.43 11.78
CA MET A 257 -11.60 6.78 10.93
C MET A 257 -11.38 5.31 11.27
N VAL A 258 -11.32 5.05 12.56
CA VAL A 258 -11.21 3.69 12.99
C VAL A 258 -12.40 2.81 12.53
N ASP A 259 -13.63 3.28 12.76
CA ASP A 259 -14.85 2.53 12.36
C ASP A 259 -14.78 2.17 10.87
N VAL A 260 -14.51 3.18 10.02
CA VAL A 260 -14.42 2.95 8.55
C VAL A 260 -13.31 1.93 8.24
N ALA A 261 -12.12 2.13 8.80
CA ALA A 261 -10.99 1.28 8.37
C ALA A 261 -11.12 -0.16 8.81
N ILE A 262 -11.67 -0.39 10.02
CA ILE A 262 -11.87 -1.79 10.50
C ILE A 262 -12.93 -2.51 9.64
N TRP A 263 -13.98 -1.79 9.23
CA TRP A 263 -15.04 -2.43 8.46
C TRP A 263 -14.51 -2.80 7.06
N ARG A 264 -13.84 -1.83 6.41
CA ARG A 264 -13.35 -2.05 5.07
C ARG A 264 -12.26 -3.15 5.04
N SER A 265 -11.38 -3.20 6.06
CA SER A 265 -10.41 -4.25 6.25
C SER A 265 -11.07 -5.59 6.32
N TRP A 266 -12.06 -5.66 7.21
CA TRP A 266 -12.80 -6.91 7.40
C TRP A 266 -13.40 -7.38 6.07
N LYS A 267 -13.97 -6.47 5.27
CA LYS A 267 -14.65 -7.01 4.04
C LYS A 267 -13.59 -7.61 3.10
N LEU A 268 -12.44 -6.96 2.92
CA LEU A 268 -11.41 -7.57 2.08
C LEU A 268 -10.91 -8.87 2.70
N PHE A 269 -10.65 -8.84 4.01
CA PHE A 269 -10.09 -10.01 4.71
C PHE A 269 -11.03 -11.21 4.69
N SER A 270 -12.33 -10.98 4.86
CA SER A 270 -13.27 -12.11 4.80
C SER A 270 -13.44 -12.67 3.38
N ALA A 271 -13.12 -11.87 2.38
CA ALA A 271 -13.23 -12.37 1.01
C ALA A 271 -12.00 -13.21 0.62
N LEU A 272 -10.81 -12.83 1.09
CA LEU A 272 -9.59 -13.46 0.60
C LEU A 272 -8.94 -14.39 1.61
N THR A 273 -8.99 -14.12 2.90
CA THR A 273 -8.40 -15.04 3.88
C THR A 273 -9.37 -16.09 4.35
N GLY A 274 -10.59 -15.68 4.68
CA GLY A 274 -11.60 -16.57 5.21
C GLY A 274 -11.74 -17.85 4.41
N PRO A 275 -11.94 -17.73 3.09
CA PRO A 275 -12.15 -18.98 2.32
C PRO A 275 -10.90 -19.85 2.35
N ILE A 276 -9.73 -19.20 2.45
CA ILE A 276 -8.49 -19.99 2.50
C ILE A 276 -8.44 -20.95 3.69
N MET A 277 -8.79 -20.44 4.88
CA MET A 277 -8.69 -21.24 6.07
C MET A 277 -9.73 -22.35 6.12
N ASP A 278 -10.96 -22.04 5.68
CA ASP A 278 -12.05 -22.96 5.83
C ASP A 278 -12.23 -23.89 4.63
N TYR A 279 -11.53 -23.65 3.51
CA TYR A 279 -11.77 -24.45 2.29
C TYR A 279 -10.55 -24.88 1.49
N TYR A 280 -9.51 -24.05 1.43
CA TYR A 280 -8.36 -24.46 0.64
C TYR A 280 -7.39 -25.30 1.42
N THR A 281 -7.17 -25.00 2.69
CA THR A 281 -6.20 -25.78 3.46
C THR A 281 -6.83 -27.17 3.68
N PRO A 282 -6.05 -28.24 3.41
CA PRO A 282 -6.62 -29.59 3.51
C PRO A 282 -7.13 -29.78 4.95
N LEU A 283 -8.19 -30.58 5.08
CA LEU A 283 -8.92 -30.81 6.36
C LEU A 283 -7.99 -31.09 7.58
N GLU A 284 -7.10 -32.04 7.38
CA GLU A 284 -6.24 -32.53 8.46
C GLU A 284 -5.16 -31.50 8.79
N SER A 285 -5.05 -30.39 8.04
CA SER A 285 -4.14 -29.30 8.41
C SER A 285 -4.82 -28.10 9.12
N ARG A 286 -6.12 -28.22 9.40
CA ARG A 286 -6.83 -27.07 9.90
C ARG A 286 -6.75 -27.05 11.40
N ASN A 287 -5.99 -26.08 11.85
CA ASN A 287 -5.70 -25.86 13.26
C ASN A 287 -6.99 -25.39 13.95
N GLN A 288 -7.67 -24.45 13.30
CA GLN A 288 -8.90 -23.86 13.78
C GLN A 288 -9.67 -23.26 12.58
N SER A 289 -10.90 -22.82 12.85
CA SER A 289 -11.72 -22.25 11.80
C SER A 289 -11.39 -20.76 11.64
N PHE A 290 -11.76 -20.24 10.47
CA PHE A 290 -11.69 -18.81 10.26
C PHE A 290 -12.30 -18.02 11.40
N LYS A 291 -13.52 -18.37 11.82
CA LYS A 291 -14.21 -17.70 12.92
C LYS A 291 -13.43 -17.82 14.27
N GLU A 292 -12.96 -19.02 14.59
CA GLU A 292 -12.06 -19.22 15.73
C GLU A 292 -10.78 -18.34 15.65
N PHE A 293 -10.19 -18.26 14.46
CA PHE A 293 -9.02 -17.42 14.26
C PHE A 293 -9.36 -15.97 14.62
N MET A 294 -10.49 -15.50 14.09
CA MET A 294 -10.97 -14.15 14.32
C MET A 294 -11.21 -13.81 15.80
N LEU A 295 -11.86 -14.74 16.52
CA LEU A 295 -12.18 -14.52 17.91
C LEU A 295 -10.94 -14.57 18.80
N GLU A 296 -10.04 -15.49 18.52
CA GLU A 296 -8.83 -15.63 19.30
C GLU A 296 -7.79 -14.53 19.02
N TRP A 297 -7.55 -14.22 17.75
CA TRP A 297 -6.37 -13.45 17.40
C TRP A 297 -6.62 -12.04 16.87
N ILE A 298 -7.85 -11.72 16.52
CA ILE A 298 -8.15 -10.41 15.96
C ILE A 298 -9.10 -9.57 16.81
N VAL A 299 -10.21 -10.15 17.26
CA VAL A 299 -11.31 -9.35 17.87
C VAL A 299 -11.01 -8.83 19.29
N ALA A 300 -10.51 -9.72 20.16
CA ALA A 300 -10.17 -9.31 21.55
C ALA A 300 -9.05 -8.28 21.47
N GLN A 301 -8.10 -8.48 20.58
CA GLN A 301 -6.99 -7.52 20.38
C GLN A 301 -7.47 -6.11 20.02
N PHE A 302 -8.47 -6.01 19.12
CA PHE A 302 -9.03 -4.70 18.82
C PHE A 302 -9.68 -4.09 20.09
N GLU A 303 -10.48 -4.90 20.79
CA GLU A 303 -11.24 -4.40 21.97
C GLU A 303 -10.29 -3.83 23.00
N ARG A 304 -9.23 -4.58 23.28
CA ARG A 304 -8.13 -4.14 24.17
C ARG A 304 -7.43 -2.85 23.65
N GLN A 305 -7.04 -2.80 22.37
CA GLN A 305 -6.53 -1.52 21.84
C GLN A 305 -7.47 -0.36 22.01
N LEU A 306 -8.75 -0.57 21.69
CA LEU A 306 -9.73 0.52 21.71
C LEU A 306 -9.89 1.04 23.13
N LEU A 307 -9.98 0.10 24.07
CA LEU A 307 -10.09 0.42 25.49
C LEU A 307 -8.91 1.23 25.97
N ASP A 308 -7.68 0.81 25.63
CA ASP A 308 -6.48 1.49 26.08
C ASP A 308 -6.33 2.86 25.48
N LEU A 309 -7.03 3.10 24.38
CA LEU A 309 -6.99 4.39 23.72
C LEU A 309 -8.15 5.33 24.09
N GLY A 310 -9.07 4.92 24.96
CA GLY A 310 -10.16 5.83 25.29
C GLY A 310 -11.20 5.89 24.16
N LEU A 311 -11.16 4.92 23.25
CA LEU A 311 -12.13 4.85 22.15
C LEU A 311 -13.24 3.78 22.45
N ASP A 312 -14.31 3.73 21.65
CA ASP A 312 -15.39 2.72 21.83
C ASP A 312 -15.32 1.63 20.80
N LYS A 313 -15.93 0.47 21.10
CA LYS A 313 -16.27 -0.52 20.05
C LYS A 313 -17.12 0.19 18.99
N PRO A 314 -16.78 -0.01 17.68
CA PRO A 314 -17.56 0.59 16.58
C PRO A 314 -19.07 0.21 16.69
N TRP A 315 -19.95 1.12 16.27
CA TRP A 315 -21.41 0.85 16.31
C TRP A 315 -21.83 -0.54 15.76
N TYR A 316 -21.02 -1.14 14.86
CA TYR A 316 -21.49 -2.31 14.09
C TYR A 316 -20.91 -3.57 14.68
N TRP A 317 -20.23 -3.44 15.82
CA TRP A 317 -19.52 -4.58 16.45
C TRP A 317 -20.33 -5.89 16.63
N ASP A 318 -21.58 -5.79 17.11
CA ASP A 318 -22.45 -6.98 17.27
C ASP A 318 -22.81 -7.65 15.95
N GLN A 319 -23.13 -6.83 14.95
CA GLN A 319 -23.38 -7.34 13.58
C GLN A 319 -22.12 -8.05 13.09
N PHE A 320 -20.97 -7.44 13.37
CA PHE A 320 -19.68 -7.94 12.87
C PHE A 320 -19.44 -9.30 13.49
N MET A 321 -19.68 -9.47 14.78
CA MET A 321 -19.61 -10.79 15.41
C MET A 321 -20.49 -11.85 14.76
N GLN A 322 -21.75 -11.50 14.53
CA GLN A 322 -22.69 -12.42 13.85
C GLN A 322 -22.13 -12.80 12.47
N ASP A 323 -21.62 -11.81 11.73
CA ASP A 323 -21.12 -12.08 10.37
C ASP A 323 -19.97 -13.09 10.28
N LEU A 324 -19.24 -13.28 11.38
CA LEU A 324 -18.22 -14.34 11.43
C LEU A 324 -18.70 -15.79 11.06
N ASP A 325 -20.01 -16.01 11.23
CA ASP A 325 -20.58 -17.30 10.89
C ASP A 325 -20.99 -17.36 9.44
N GLU A 326 -20.94 -16.21 8.72
CA GLU A 326 -21.56 -16.15 7.39
C GLU A 326 -20.76 -15.60 6.19
N THR A 327 -20.23 -14.39 6.36
CA THR A 327 -19.74 -13.57 5.23
C THR A 327 -18.78 -14.38 4.38
N HIS A 328 -17.77 -14.99 4.99
CA HIS A 328 -16.73 -15.64 4.17
C HIS A 328 -17.25 -16.88 3.44
N HIS A 329 -18.24 -17.56 4.01
CA HIS A 329 -18.90 -18.70 3.32
C HIS A 329 -19.54 -18.24 2.00
N GLY A 330 -20.13 -17.04 2.03
CA GLY A 330 -20.62 -16.42 0.81
C GLY A 330 -19.55 -16.05 -0.21
N MET A 331 -18.46 -15.42 0.25
CA MET A 331 -17.42 -14.99 -0.67
C MET A 331 -16.78 -16.25 -1.29
N HIS A 332 -16.61 -17.30 -0.50
CA HIS A 332 -16.08 -18.56 -1.07
C HIS A 332 -16.99 -19.13 -2.17
N LEU A 333 -18.28 -19.23 -1.85
CA LEU A 333 -19.19 -19.80 -2.81
C LEU A 333 -19.23 -18.92 -4.05
N GLY A 334 -19.18 -17.59 -3.86
CA GLY A 334 -19.12 -16.64 -5.01
C GLY A 334 -17.90 -16.84 -5.91
N VAL A 335 -16.72 -16.92 -5.31
CA VAL A 335 -15.46 -17.06 -6.03
C VAL A 335 -15.40 -18.46 -6.72
N TRP A 336 -15.81 -19.53 -6.01
CA TRP A 336 -15.85 -20.83 -6.64
C TRP A 336 -16.89 -20.83 -7.78
N TYR A 337 -18.09 -20.30 -7.52
CA TYR A 337 -19.10 -20.38 -8.60
C TYR A 337 -18.65 -19.52 -9.83
N TRP A 338 -18.11 -18.32 -9.56
CA TRP A 338 -17.52 -17.46 -10.61
C TRP A 338 -16.04 -17.73 -10.87
N ARG A 339 -15.59 -18.96 -10.65
CA ARG A 339 -14.16 -19.30 -10.74
C ARG A 339 -13.46 -18.89 -12.02
N PRO A 340 -14.14 -18.88 -13.20
CA PRO A 340 -13.32 -18.40 -14.37
C PRO A 340 -12.96 -16.89 -14.28
N THR A 341 -13.52 -16.16 -13.30
CA THR A 341 -13.20 -14.77 -13.20
C THR A 341 -12.06 -14.39 -12.24
N VAL A 342 -11.35 -15.38 -11.69
CA VAL A 342 -10.16 -15.12 -10.87
C VAL A 342 -8.94 -15.81 -11.48
N TRP A 343 -7.75 -15.47 -10.98
CA TRP A 343 -6.52 -15.89 -11.65
C TRP A 343 -5.88 -17.07 -10.94
N TRP A 344 -6.55 -17.64 -9.93
CA TRP A 344 -6.13 -18.89 -9.26
C TRP A 344 -7.24 -19.94 -9.38
N ASP A 345 -7.00 -21.21 -8.97
CA ASP A 345 -8.07 -22.21 -9.03
C ASP A 345 -8.69 -22.36 -7.65
N PRO A 346 -9.93 -21.94 -7.47
CA PRO A 346 -10.57 -22.15 -6.18
C PRO A 346 -10.83 -23.65 -5.79
N ALA A 347 -10.60 -23.97 -4.51
CA ALA A 347 -10.88 -25.29 -4.04
C ALA A 347 -12.29 -25.31 -3.50
N ALA A 348 -13.17 -26.16 -4.07
CA ALA A 348 -14.54 -26.27 -3.52
C ALA A 348 -14.59 -26.53 -2.01
N GLY A 349 -13.82 -27.52 -1.54
CA GLY A 349 -13.83 -27.85 -0.11
C GLY A 349 -15.11 -28.41 0.50
N VAL A 350 -15.90 -29.18 -0.28
CA VAL A 350 -17.21 -29.65 0.28
C VAL A 350 -17.33 -31.17 0.10
N SER A 351 -16.24 -31.88 0.42
CA SER A 351 -16.29 -33.34 0.51
C SER A 351 -17.09 -33.67 1.77
N PRO A 352 -17.52 -34.95 1.89
CA PRO A 352 -18.28 -35.33 3.08
C PRO A 352 -17.52 -35.02 4.38
N GLU A 353 -16.23 -35.31 4.40
CA GLU A 353 -15.49 -35.06 5.64
C GLU A 353 -15.33 -33.55 5.86
N GLU A 354 -15.07 -32.79 4.79
CA GLU A 354 -15.00 -31.31 4.95
C GLU A 354 -16.34 -30.78 5.46
N ARG A 355 -17.46 -31.34 4.99
CA ARG A 355 -18.79 -30.82 5.38
C ARG A 355 -19.15 -31.13 6.83
N GLU A 356 -18.68 -32.26 7.33
CA GLU A 356 -18.80 -32.47 8.78
C GLU A 356 -17.93 -31.56 9.65
N TRP A 357 -16.72 -31.27 9.18
CA TRP A 357 -15.89 -30.23 9.85
C TRP A 357 -16.66 -28.88 9.82
N LEU A 358 -17.17 -28.49 8.66
CA LEU A 358 -17.92 -27.26 8.54
C LEU A 358 -19.10 -27.24 9.51
N GLU A 359 -19.81 -28.38 9.60
CA GLU A 359 -20.96 -28.48 10.51
C GLU A 359 -20.56 -28.36 11.98
N GLU A 360 -19.42 -28.93 12.37
CA GLU A 360 -18.94 -28.73 13.76
C GLU A 360 -18.59 -27.28 14.00
N LYS A 361 -17.83 -26.70 13.06
CA LYS A 361 -17.34 -25.34 13.24
C LYS A 361 -18.46 -24.29 13.15
N TYR A 362 -19.52 -24.59 12.39
CA TYR A 362 -20.58 -23.62 12.15
C TYR A 362 -21.88 -24.41 12.16
N PRO A 363 -22.47 -24.65 13.36
CA PRO A 363 -23.75 -25.42 13.37
C PRO A 363 -24.81 -24.73 12.49
N GLY A 364 -25.43 -25.50 11.57
CA GLY A 364 -26.45 -24.92 10.67
C GLY A 364 -25.91 -24.81 9.23
N TRP A 365 -24.62 -25.08 9.04
CA TRP A 365 -24.02 -24.90 7.72
C TRP A 365 -24.68 -25.74 6.59
N ASN A 366 -24.97 -27.00 6.90
CA ASN A 366 -25.51 -27.90 5.92
C ASN A 366 -26.94 -27.53 5.54
N ASP A 367 -27.70 -27.06 6.51
CA ASP A 367 -29.03 -26.52 6.38
C ASP A 367 -29.11 -25.19 5.63
N THR A 368 -28.01 -24.46 5.59
CA THR A 368 -27.93 -23.18 4.86
C THR A 368 -27.03 -23.17 3.60
N TRP A 369 -25.74 -22.97 3.78
CA TRP A 369 -24.72 -23.10 2.76
C TRP A 369 -24.73 -24.42 2.01
N GLY A 370 -24.83 -25.51 2.76
CA GLY A 370 -24.97 -26.88 2.24
C GLY A 370 -26.05 -27.05 1.18
N GLN A 371 -27.18 -26.34 1.32
CA GLN A 371 -28.21 -26.44 0.26
C GLN A 371 -27.69 -26.08 -1.16
N CYS A 372 -26.99 -24.96 -1.31
CA CYS A 372 -26.50 -24.55 -2.65
C CYS A 372 -25.47 -25.60 -3.15
N TRP A 373 -24.58 -25.98 -2.24
CA TRP A 373 -23.59 -27.00 -2.60
C TRP A 373 -24.26 -28.34 -2.95
N ASP A 374 -25.38 -28.66 -2.29
CA ASP A 374 -26.17 -29.88 -2.67
C ASP A 374 -26.53 -29.82 -4.17
N VAL A 375 -27.16 -28.70 -4.59
CA VAL A 375 -27.54 -28.55 -5.99
C VAL A 375 -26.34 -28.66 -6.89
N ILE A 376 -25.27 -27.96 -6.55
CA ILE A 376 -24.08 -28.00 -7.39
C ILE A 376 -23.48 -29.41 -7.52
N THR A 377 -23.40 -30.10 -6.40
CA THR A 377 -22.86 -31.48 -6.33
C THR A 377 -23.71 -32.45 -7.18
N ASP A 378 -25.05 -32.42 -7.01
CA ASP A 378 -25.95 -33.21 -7.90
C ASP A 378 -25.69 -32.99 -9.38
N ASN A 379 -25.55 -31.71 -9.79
CA ASN A 379 -25.24 -31.42 -11.20
C ASN A 379 -23.90 -32.01 -11.71
N LEU A 380 -22.89 -31.99 -10.83
CA LEU A 380 -21.64 -32.55 -11.22
C LEU A 380 -21.75 -34.10 -11.30
N VAL A 381 -22.41 -34.73 -10.33
CA VAL A 381 -22.65 -36.22 -10.32
C VAL A 381 -23.37 -36.63 -11.60
N ASN A 382 -24.39 -35.85 -11.99
CA ASN A 382 -25.27 -36.10 -13.13
C ASN A 382 -24.81 -35.55 -14.48
N GLY A 383 -23.55 -35.11 -14.57
CA GLY A 383 -23.00 -34.69 -15.86
C GLY A 383 -23.63 -33.42 -16.46
N LYS A 384 -23.95 -32.44 -15.61
CA LYS A 384 -24.41 -31.11 -16.06
C LYS A 384 -23.46 -30.02 -15.50
N PRO A 385 -22.16 -30.09 -15.85
CA PRO A 385 -21.20 -29.12 -15.31
C PRO A 385 -21.52 -27.68 -15.70
N GLU A 386 -22.24 -27.50 -16.80
CA GLU A 386 -22.62 -26.19 -17.28
C GLU A 386 -23.55 -25.43 -16.30
N LEU A 387 -24.25 -26.13 -15.42
CA LEU A 387 -25.08 -25.46 -14.39
C LEU A 387 -24.26 -25.02 -13.18
N THR A 388 -22.93 -25.31 -13.17
CA THR A 388 -22.00 -24.90 -12.08
C THR A 388 -21.11 -23.67 -12.43
N VAL A 389 -21.33 -23.09 -13.61
CA VAL A 389 -20.68 -21.83 -13.99
C VAL A 389 -21.74 -20.84 -14.44
N PRO A 390 -21.49 -19.54 -14.24
CA PRO A 390 -22.60 -18.57 -14.37
C PRO A 390 -22.83 -18.05 -15.76
N GLU A 391 -24.00 -17.47 -16.00
CA GLU A 391 -24.34 -16.81 -17.25
C GLU A 391 -24.74 -15.37 -17.05
N THR A 392 -24.50 -14.87 -15.85
CA THR A 392 -24.67 -13.46 -15.56
C THR A 392 -23.62 -12.96 -14.54
N LEU A 393 -23.61 -11.69 -14.20
CA LEU A 393 -22.75 -11.09 -13.20
C LEU A 393 -23.48 -11.03 -11.87
N PRO A 394 -22.78 -11.27 -10.78
CA PRO A 394 -23.47 -11.02 -9.51
C PRO A 394 -23.58 -9.52 -9.31
N THR A 395 -24.56 -9.09 -8.52
CA THR A 395 -24.56 -7.68 -8.04
C THR A 395 -23.33 -7.39 -7.18
N ILE A 396 -22.71 -6.24 -7.39
CA ILE A 396 -21.53 -5.88 -6.63
C ILE A 396 -21.80 -4.69 -5.69
N CYS A 397 -21.25 -4.77 -4.49
CA CYS A 397 -21.27 -3.66 -3.58
C CYS A 397 -20.52 -2.44 -4.11
N ASN A 398 -21.19 -1.27 -4.10
CA ASN A 398 -20.49 -0.04 -4.50
C ASN A 398 -19.39 0.44 -3.51
N MET A 399 -19.36 -0.09 -2.28
CA MET A 399 -18.26 0.27 -1.33
C MET A 399 -17.10 -0.75 -1.45
N CYS A 400 -17.35 -2.01 -1.08
CA CYS A 400 -16.24 -2.98 -1.02
C CYS A 400 -15.94 -3.64 -2.38
N ASN A 401 -16.82 -3.42 -3.36
CA ASN A 401 -16.63 -4.00 -4.72
C ASN A 401 -16.54 -5.52 -4.70
N LEU A 402 -17.25 -6.11 -3.74
CA LEU A 402 -17.38 -7.57 -3.65
C LEU A 402 -18.87 -7.89 -3.93
N PRO A 403 -19.19 -9.15 -4.29
CA PRO A 403 -20.57 -9.61 -4.53
C PRO A 403 -21.40 -9.41 -3.28
N ILE A 404 -22.69 -9.08 -3.44
CA ILE A 404 -23.59 -8.93 -2.28
C ILE A 404 -24.16 -10.33 -2.03
N ALA A 405 -23.76 -10.96 -0.93
CA ALA A 405 -24.00 -12.37 -0.66
C ALA A 405 -24.22 -12.56 0.84
N HIS A 406 -24.98 -13.61 1.18
CA HIS A 406 -25.24 -13.93 2.60
C HIS A 406 -26.03 -15.25 2.71
N THR A 407 -26.57 -15.52 3.90
CA THR A 407 -27.06 -16.88 4.25
C THR A 407 -28.19 -17.32 3.29
N PRO A 408 -28.04 -18.49 2.69
CA PRO A 408 -28.99 -19.07 1.74
C PRO A 408 -29.68 -20.30 2.43
N GLY A 409 -30.44 -21.08 1.65
CA GLY A 409 -31.02 -22.34 2.18
C GLY A 409 -32.13 -22.08 3.16
N ASN A 410 -32.17 -22.89 4.23
CA ASN A 410 -33.33 -22.84 5.17
C ASN A 410 -33.38 -21.63 6.08
N LYS A 411 -32.31 -20.82 6.07
CA LYS A 411 -32.36 -19.57 6.84
C LYS A 411 -32.02 -18.36 5.99
N TRP A 412 -32.71 -18.23 4.85
CA TRP A 412 -32.42 -17.21 3.84
C TRP A 412 -32.35 -15.79 4.41
N ASN A 413 -31.24 -15.11 4.15
CA ASN A 413 -31.08 -13.78 4.76
C ASN A 413 -30.27 -12.80 3.90
N VAL A 414 -30.41 -12.85 2.57
CA VAL A 414 -29.59 -12.02 1.72
C VAL A 414 -30.27 -10.68 1.59
N LYS A 415 -29.53 -9.62 1.82
CA LYS A 415 -30.10 -8.28 1.78
C LYS A 415 -29.23 -7.30 0.98
N ASP A 416 -29.88 -6.32 0.36
CA ASP A 416 -29.19 -5.26 -0.35
C ASP A 416 -29.55 -3.96 0.35
N TYR A 417 -28.54 -3.18 0.74
CA TYR A 417 -28.68 -1.93 1.45
C TYR A 417 -28.60 -0.80 0.47
N GLN A 418 -29.69 -0.63 -0.30
CA GLN A 418 -29.69 0.27 -1.43
C GLN A 418 -29.69 1.70 -0.98
N LEU A 419 -29.19 2.56 -1.86
CA LEU A 419 -29.21 4.00 -1.58
C LEU A 419 -29.41 4.74 -2.90
N GLU A 420 -30.44 5.58 -2.92
CA GLU A 420 -30.59 6.52 -4.01
C GLU A 420 -29.94 7.83 -3.65
N TYR A 421 -29.04 8.31 -4.53
CA TYR A 421 -28.23 9.52 -4.23
C TYR A 421 -27.90 10.30 -5.50
N GLU A 422 -28.37 11.54 -5.55
CA GLU A 422 -28.24 12.37 -6.74
C GLU A 422 -28.65 11.68 -8.04
N GLY A 423 -29.79 11.01 -8.00
CA GLY A 423 -30.34 10.48 -9.24
C GLY A 423 -29.79 9.11 -9.59
N ARG A 424 -28.85 8.55 -8.84
CA ARG A 424 -28.26 7.25 -9.16
C ARG A 424 -28.61 6.26 -8.03
N LEU A 425 -28.91 5.02 -8.39
CA LEU A 425 -29.14 3.96 -7.41
C LEU A 425 -27.84 3.15 -7.12
N TYR A 426 -27.45 3.08 -5.83
CA TYR A 426 -26.25 2.38 -5.36
C TYR A 426 -26.71 1.16 -4.62
N HIS A 427 -25.89 0.11 -4.70
CA HIS A 427 -26.09 -1.17 -4.00
C HIS A 427 -24.93 -1.39 -3.01
N PHE A 428 -25.27 -1.90 -1.84
CA PHE A 428 -24.30 -2.13 -0.77
C PHE A 428 -24.56 -3.45 -0.09
N GLY A 429 -23.48 -4.13 0.29
CA GLY A 429 -23.61 -5.47 0.75
C GLY A 429 -23.84 -5.54 2.26
N SER A 430 -23.81 -4.40 2.98
CA SER A 430 -24.06 -4.45 4.45
C SER A 430 -24.47 -3.06 4.85
N GLU A 431 -24.97 -2.95 6.07
CA GLU A 431 -25.36 -1.63 6.62
C GLU A 431 -24.11 -0.74 6.77
N ALA A 432 -22.97 -1.33 7.15
CA ALA A 432 -21.75 -0.53 7.40
C ALA A 432 -21.14 -0.05 6.09
N ASP A 433 -21.31 -0.84 5.02
CA ASP A 433 -20.79 -0.47 3.69
C ASP A 433 -21.52 0.80 3.18
N ARG A 434 -22.86 0.78 3.27
CA ARG A 434 -23.69 1.94 2.91
C ARG A 434 -23.32 3.19 3.75
N TRP A 435 -23.11 2.98 5.04
CA TRP A 435 -22.73 4.06 5.99
C TRP A 435 -21.36 4.68 5.68
N CYS A 436 -20.39 3.86 5.23
CA CYS A 436 -19.07 4.43 4.82
C CYS A 436 -19.27 5.40 3.68
N PHE A 437 -20.24 5.07 2.83
CA PHE A 437 -20.55 5.96 1.72
C PHE A 437 -21.27 7.22 2.22
N GLN A 438 -22.29 7.09 3.06
CA GLN A 438 -23.09 8.30 3.44
C GLN A 438 -22.33 9.29 4.32
N ILE A 439 -21.35 8.82 5.10
CA ILE A 439 -20.59 9.76 5.89
C ILE A 439 -19.67 10.52 5.00
N ASP A 440 -19.39 10.06 3.76
CA ASP A 440 -18.42 10.81 2.98
C ASP A 440 -18.70 10.62 1.50
N PRO A 441 -19.90 11.04 1.06
CA PRO A 441 -20.32 10.69 -0.29
C PRO A 441 -19.41 11.21 -1.43
N GLU A 442 -18.81 12.39 -1.30
CA GLU A 442 -17.94 12.83 -2.39
C GLU A 442 -16.65 12.06 -2.56
N ARG A 443 -16.31 11.18 -1.63
CA ARG A 443 -15.10 10.34 -1.80
C ARG A 443 -15.37 9.16 -2.75
N TYR A 444 -16.65 8.81 -2.91
CA TYR A 444 -17.07 7.61 -3.62
C TYR A 444 -18.05 7.79 -4.78
N LYS A 445 -18.72 8.95 -4.82
CA LYS A 445 -19.92 9.18 -5.66
C LYS A 445 -19.84 8.71 -7.13
N ASN A 446 -18.84 9.17 -7.87
CA ASN A 446 -18.75 8.86 -9.27
C ASN A 446 -17.85 7.68 -9.57
N HIS A 447 -17.38 6.97 -8.55
CA HIS A 447 -16.75 5.67 -8.81
C HIS A 447 -17.79 4.72 -9.44
N THR A 448 -17.36 3.84 -10.34
CA THR A 448 -18.27 2.83 -10.84
C THR A 448 -17.71 1.45 -10.63
N ASN A 449 -18.53 0.49 -10.17
CA ASN A 449 -18.10 -0.86 -10.04
C ASN A 449 -18.27 -1.58 -11.38
N LEU A 450 -17.82 -2.83 -11.47
CA LEU A 450 -17.75 -3.56 -12.75
C LEU A 450 -19.18 -3.72 -13.38
N VAL A 451 -20.17 -3.90 -12.52
CA VAL A 451 -21.56 -3.97 -12.93
C VAL A 451 -22.06 -2.66 -13.56
N ASP A 452 -21.88 -1.54 -12.80
CA ASP A 452 -22.07 -0.17 -13.33
C ASP A 452 -21.47 -0.04 -14.75
N ARG A 453 -20.25 -0.51 -14.95
CA ARG A 453 -19.52 -0.32 -16.23
C ARG A 453 -20.18 -1.18 -17.31
N PHE A 454 -20.46 -2.44 -17.00
CA PHE A 454 -21.20 -3.35 -17.88
C PHE A 454 -22.53 -2.68 -18.35
N LEU A 455 -23.30 -2.18 -17.39
CA LEU A 455 -24.57 -1.53 -17.67
C LEU A 455 -24.45 -0.18 -18.45
N LYS A 456 -23.33 0.54 -18.30
CA LYS A 456 -23.18 1.82 -18.94
C LYS A 456 -22.71 1.68 -20.37
N GLY A 457 -22.30 0.50 -20.82
CA GLY A 457 -21.79 0.35 -22.18
C GLY A 457 -20.28 0.35 -22.28
N GLU A 458 -19.58 0.42 -21.15
CA GLU A 458 -18.16 0.47 -21.17
C GLU A 458 -17.45 -0.83 -21.42
N ILE A 459 -18.19 -1.95 -21.36
CA ILE A 459 -17.56 -3.26 -21.57
C ILE A 459 -18.17 -3.79 -22.86
N GLN A 460 -17.31 -3.99 -23.88
CA GLN A 460 -17.77 -4.28 -25.24
C GLN A 460 -16.83 -5.35 -25.81
N PRO A 461 -17.36 -6.40 -26.46
CA PRO A 461 -18.78 -6.77 -26.60
C PRO A 461 -19.41 -6.84 -25.18
N ALA A 462 -20.69 -6.46 -25.04
CA ALA A 462 -21.32 -6.42 -23.74
C ALA A 462 -21.86 -7.81 -23.35
N ASP A 463 -20.98 -8.77 -23.19
CA ASP A 463 -21.40 -10.12 -22.87
C ASP A 463 -20.26 -10.69 -22.01
N LEU A 464 -20.40 -11.96 -21.66
CA LEU A 464 -19.49 -12.56 -20.68
C LEU A 464 -18.06 -12.66 -21.23
N ALA A 465 -17.91 -12.98 -22.51
CA ALA A 465 -16.58 -13.08 -23.18
C ALA A 465 -15.94 -11.72 -23.20
N GLY A 466 -16.75 -10.71 -23.51
CA GLY A 466 -16.34 -9.29 -23.48
C GLY A 466 -15.87 -8.86 -22.07
N ALA A 467 -16.62 -9.25 -21.05
CA ALA A 467 -16.25 -8.92 -19.66
C ALA A 467 -14.95 -9.62 -19.27
N LEU A 468 -14.76 -10.88 -19.68
CA LEU A 468 -13.48 -11.58 -19.44
C LEU A 468 -12.30 -10.82 -20.07
N MET A 469 -12.42 -10.40 -21.32
CA MET A 469 -11.32 -9.60 -21.94
C MET A 469 -11.11 -8.25 -21.26
N TYR A 470 -12.19 -7.60 -20.91
CA TYR A 470 -12.08 -6.39 -20.14
C TYR A 470 -11.20 -6.54 -18.85
N MET A 471 -11.36 -7.71 -18.22
CA MET A 471 -10.62 -8.12 -17.00
C MET A 471 -9.27 -8.75 -17.30
N SER A 472 -8.83 -8.67 -18.56
CA SER A 472 -7.53 -9.27 -18.96
C SER A 472 -7.39 -10.80 -18.78
N LEU A 473 -8.49 -11.51 -18.69
CA LEU A 473 -8.49 -12.93 -18.41
C LEU A 473 -8.62 -13.78 -19.73
N GLU A 474 -7.74 -14.76 -19.91
CA GLU A 474 -7.78 -15.69 -21.02
C GLU A 474 -7.58 -17.13 -20.48
N PRO A 475 -7.98 -18.16 -21.29
CA PRO A 475 -7.77 -19.57 -20.89
C PRO A 475 -6.29 -19.78 -20.52
N GLY A 476 -6.03 -20.58 -19.49
CA GLY A 476 -4.64 -20.67 -19.02
C GLY A 476 -4.45 -19.89 -17.74
N VAL A 477 -5.12 -18.74 -17.61
CA VAL A 477 -5.17 -18.01 -16.33
C VAL A 477 -6.54 -18.11 -15.63
N MET A 478 -7.65 -18.10 -16.39
CA MET A 478 -9.00 -18.25 -15.82
C MET A 478 -9.14 -19.42 -14.84
N GLY A 479 -9.74 -19.18 -13.67
CA GLY A 479 -9.76 -20.23 -12.68
C GLY A 479 -10.69 -21.42 -12.99
N ASP A 480 -10.42 -22.57 -12.35
CA ASP A 480 -11.28 -23.77 -12.40
C ASP A 480 -11.13 -24.47 -11.05
N ASP A 481 -11.85 -25.58 -10.84
CA ASP A 481 -11.85 -26.23 -9.50
C ASP A 481 -10.40 -26.72 -9.27
N ALA A 482 -9.88 -26.43 -8.09
CA ALA A 482 -8.45 -26.70 -7.81
C ALA A 482 -8.06 -28.20 -7.88
N HIS A 483 -8.87 -29.08 -7.30
CA HIS A 483 -8.65 -30.53 -7.46
C HIS A 483 -9.26 -31.22 -8.73
N ASP A 484 -9.54 -30.45 -9.78
CA ASP A 484 -10.16 -30.96 -11.02
C ASP A 484 -11.35 -31.86 -10.70
N TYR A 485 -12.15 -31.43 -9.73
CA TYR A 485 -13.42 -32.09 -9.43
C TYR A 485 -13.27 -33.49 -8.83
N GLU A 486 -12.04 -33.86 -8.49
CA GLU A 486 -11.79 -35.11 -7.77
C GLU A 486 -12.77 -35.42 -6.63
N TRP A 487 -13.14 -34.43 -5.84
CA TRP A 487 -14.03 -34.67 -4.71
C TRP A 487 -15.48 -35.12 -5.09
N VAL A 488 -15.84 -34.98 -6.37
CA VAL A 488 -17.16 -35.41 -6.86
C VAL A 488 -17.29 -36.96 -6.80
N LYS A 489 -16.17 -37.66 -6.91
CA LYS A 489 -16.13 -39.12 -6.76
C LYS A 489 -16.76 -39.61 -5.47
N ALA A 490 -16.57 -38.91 -4.36
CA ALA A 490 -17.17 -39.31 -3.11
C ALA A 490 -18.71 -39.32 -3.20
N TYR A 491 -19.27 -38.62 -4.20
CA TYR A 491 -20.74 -38.62 -4.36
C TYR A 491 -21.25 -39.53 -5.54
N GLN A 492 -20.32 -39.98 -6.39
CA GLN A 492 -20.38 -40.93 -7.55
C GLN A 492 -20.27 -40.29 -8.96
N ALA B 8 -4.80 -21.89 -24.93
CA ALA B 8 -4.36 -21.45 -23.58
C ALA B 8 -3.02 -20.70 -23.62
N LEU B 9 -2.96 -19.62 -22.84
CA LEU B 9 -1.71 -18.90 -22.57
C LEU B 9 -0.60 -19.87 -22.04
N LYS B 10 0.53 -19.82 -22.72
CA LYS B 10 1.75 -20.59 -22.35
C LYS B 10 2.56 -19.82 -21.27
N PRO B 11 3.19 -20.56 -20.34
CA PRO B 11 4.11 -19.88 -19.42
C PRO B 11 5.25 -19.17 -20.14
N LEU B 12 5.68 -18.04 -19.59
CA LEU B 12 6.77 -17.28 -20.19
C LEU B 12 8.02 -17.51 -19.38
N LYS B 13 9.15 -17.00 -19.85
CA LYS B 13 10.43 -17.12 -19.17
C LYS B 13 10.67 -15.94 -18.24
N THR B 14 9.92 -14.86 -18.35
CA THR B 14 10.09 -13.74 -17.46
C THR B 14 8.72 -13.13 -17.24
N TRP B 15 8.66 -11.96 -16.59
CA TRP B 15 7.37 -11.25 -16.49
C TRP B 15 6.89 -10.83 -17.88
N SER B 16 5.60 -10.89 -18.12
CA SER B 16 5.06 -10.50 -19.42
C SER B 16 5.50 -9.10 -19.88
N HIS B 17 5.62 -8.14 -18.95
CA HIS B 17 6.00 -6.80 -19.36
C HIS B 17 7.46 -6.70 -19.77
N LEU B 18 8.25 -7.72 -19.48
CA LEU B 18 9.68 -7.73 -19.92
C LEU B 18 9.99 -8.77 -21.01
N ALA B 19 8.96 -9.46 -21.50
CA ALA B 19 9.14 -10.46 -22.55
C ALA B 19 9.67 -9.84 -23.83
N GLY B 20 10.70 -10.41 -24.40
CA GLY B 20 11.30 -9.78 -25.55
C GLY B 20 12.23 -8.67 -25.14
N ASN B 21 13.20 -9.02 -24.29
CA ASN B 21 14.24 -8.09 -23.94
C ASN B 21 15.55 -8.55 -24.50
N ARG B 22 15.58 -9.75 -25.05
CA ARG B 22 16.82 -10.31 -25.59
C ARG B 22 17.71 -10.77 -24.45
N ARG B 23 18.01 -9.86 -23.52
CA ARG B 23 18.79 -10.20 -22.34
C ARG B 23 17.84 -10.62 -21.25
N ARG B 24 18.15 -11.68 -20.57
CA ARG B 24 17.36 -12.18 -19.47
C ARG B 24 17.42 -11.19 -18.31
N PRO B 25 16.26 -10.80 -17.80
CA PRO B 25 16.20 -9.65 -16.88
C PRO B 25 17.01 -9.82 -15.57
N SER B 26 17.67 -8.77 -15.09
CA SER B 26 18.40 -8.86 -13.80
C SER B 26 17.39 -8.85 -12.62
N GLU B 27 17.86 -9.23 -11.46
CA GLU B 27 17.13 -9.06 -10.20
C GLU B 27 16.56 -7.63 -10.11
N TYR B 28 17.37 -6.63 -10.35
CA TYR B 28 16.96 -5.20 -10.40
C TYR B 28 15.72 -4.97 -11.28
N GLU B 29 15.76 -5.44 -12.52
CA GLU B 29 14.57 -5.38 -13.38
C GLU B 29 13.38 -6.21 -12.84
N VAL B 30 13.67 -7.42 -12.41
CA VAL B 30 12.58 -8.26 -11.95
C VAL B 30 11.79 -7.60 -10.77
N VAL B 31 12.46 -6.92 -9.83
CA VAL B 31 11.75 -6.38 -8.65
C VAL B 31 11.39 -4.88 -8.67
N SER B 32 11.78 -4.12 -9.73
CA SER B 32 11.70 -2.66 -9.68
C SER B 32 10.83 -2.00 -10.77
N THR B 33 10.53 -2.76 -11.83
CA THR B 33 9.94 -2.16 -13.04
C THR B 33 8.44 -2.20 -13.11
N ASN B 34 7.87 -1.06 -13.54
CA ASN B 34 6.47 -1.02 -13.97
C ASN B 34 5.55 -1.36 -12.82
N LEU B 35 5.84 -0.81 -11.63
CA LEU B 35 5.05 -1.17 -10.43
C LEU B 35 3.94 -0.18 -10.00
N HIS B 36 4.08 1.10 -10.36
CA HIS B 36 3.05 2.07 -10.02
C HIS B 36 1.83 1.72 -10.86
N TYR B 37 0.66 1.71 -10.22
CA TYR B 37 -0.59 1.52 -10.96
C TYR B 37 -1.50 2.81 -11.05
N PHE B 38 -1.14 3.85 -10.28
CA PHE B 38 -1.86 5.13 -10.46
C PHE B 38 -1.72 5.71 -11.85
N THR B 39 -0.65 5.36 -12.57
CA THR B 39 -0.43 5.82 -13.94
C THR B 39 -1.24 4.98 -14.98
N ASP B 40 -1.89 3.88 -14.58
CA ASP B 40 -2.80 3.17 -15.52
C ASP B 40 -4.02 3.97 -16.05
N ASN B 41 -4.61 4.82 -15.19
CA ASN B 41 -5.81 5.61 -15.55
C ASN B 41 -5.54 7.09 -15.25
N PRO B 42 -4.90 7.83 -16.18
CA PRO B 42 -4.50 9.24 -15.90
C PRO B 42 -5.72 10.10 -15.59
N GLU B 43 -6.91 9.67 -16.01
CA GLU B 43 -8.09 10.44 -15.72
C GLU B 43 -8.67 10.19 -14.34
N ARG B 44 -8.26 9.09 -13.70
CA ARG B 44 -8.76 8.68 -12.40
C ARG B 44 -7.69 7.78 -11.80
N PRO B 45 -6.57 8.35 -11.32
CA PRO B 45 -5.47 7.55 -10.82
C PRO B 45 -5.88 6.50 -9.75
N TRP B 46 -6.74 6.89 -8.82
CA TRP B 46 -7.09 6.09 -7.65
C TRP B 46 -8.49 5.51 -7.85
N GLU B 47 -8.69 4.32 -7.30
CA GLU B 47 -9.93 3.57 -7.49
C GLU B 47 -11.10 4.14 -6.62
N LEU B 48 -11.37 5.44 -6.73
CA LEU B 48 -12.38 6.14 -5.89
C LEU B 48 -12.97 7.25 -6.77
N ASP B 49 -13.82 8.10 -6.18
CA ASP B 49 -14.28 9.27 -6.91
C ASP B 49 -13.12 10.13 -7.52
N SER B 50 -13.30 10.59 -8.75
CA SER B 50 -12.24 11.22 -9.52
C SER B 50 -11.97 12.66 -9.13
N ASN B 51 -12.79 13.22 -8.26
CA ASN B 51 -12.66 14.63 -7.81
C ASN B 51 -12.06 14.76 -6.40
N LEU B 52 -11.68 13.66 -5.76
CA LEU B 52 -11.02 13.77 -4.47
C LEU B 52 -9.76 14.64 -4.57
N PRO B 53 -9.42 15.37 -3.48
CA PRO B 53 -8.11 16.11 -3.50
C PRO B 53 -6.87 15.32 -4.04
N MET B 54 -6.71 14.03 -3.67
CA MET B 54 -5.49 13.31 -4.07
C MET B 54 -5.49 12.98 -5.58
N GLN B 55 -6.68 12.80 -6.16
CA GLN B 55 -6.79 12.62 -7.60
C GLN B 55 -6.24 13.90 -8.25
N THR B 56 -6.73 15.05 -7.79
CA THR B 56 -6.34 16.35 -8.35
C THR B 56 -4.84 16.61 -8.19
N TRP B 57 -4.32 16.28 -7.00
CA TRP B 57 -2.89 16.45 -6.68
C TRP B 57 -2.09 15.67 -7.70
N TYR B 58 -2.41 14.39 -7.92
CA TYR B 58 -1.55 13.63 -8.89
C TYR B 58 -1.75 14.10 -10.37
N LYS B 59 -2.97 14.51 -10.71
CA LYS B 59 -3.17 15.01 -12.07
C LYS B 59 -2.34 16.24 -12.29
N LYS B 60 -2.37 17.17 -11.32
CA LYS B 60 -1.64 18.39 -11.51
C LYS B 60 -0.13 18.17 -11.42
N TYR B 61 0.36 17.38 -10.44
CA TYR B 61 1.78 17.49 -10.07
C TYR B 61 2.60 16.35 -10.65
N CYS B 62 1.90 15.30 -11.11
CA CYS B 62 2.57 14.23 -11.78
C CYS B 62 2.27 14.26 -13.29
N PHE B 63 1.01 14.03 -13.68
CA PHE B 63 0.65 13.89 -15.12
C PHE B 63 0.87 15.19 -15.85
N ASP B 64 0.53 16.34 -15.26
CA ASP B 64 0.65 17.59 -16.03
C ASP B 64 2.03 18.24 -16.00
N SER B 65 3.07 17.55 -15.50
CA SER B 65 4.37 18.20 -15.41
C SER B 65 4.86 18.49 -16.81
N PRO B 66 5.53 19.66 -16.98
CA PRO B 66 6.08 19.98 -18.30
C PRO B 66 7.26 19.15 -18.68
N LEU B 67 7.83 18.42 -17.72
CA LEU B 67 8.90 17.48 -18.00
C LEU B 67 8.24 16.16 -18.46
N LYS B 68 8.44 15.84 -19.74
CA LYS B 68 7.62 14.84 -20.36
C LYS B 68 8.42 13.68 -20.97
N HIS B 69 7.80 12.48 -20.98
CA HIS B 69 8.36 11.30 -21.72
C HIS B 69 7.20 10.31 -22.02
N ASP B 70 7.28 9.58 -23.12
CA ASP B 70 6.23 8.63 -23.46
C ASP B 70 6.33 7.37 -22.61
N ASP B 71 7.53 7.07 -22.11
CA ASP B 71 7.74 5.81 -21.34
C ASP B 71 8.66 5.97 -20.12
N TRP B 72 8.19 6.66 -19.09
CA TRP B 72 9.03 6.92 -17.92
C TRP B 72 9.42 5.61 -17.29
N ASN B 73 8.59 4.58 -17.43
CA ASN B 73 8.95 3.25 -16.83
C ASN B 73 10.25 2.63 -17.35
N ALA B 74 10.74 3.10 -18.53
CA ALA B 74 12.04 2.68 -19.11
C ALA B 74 13.29 3.12 -18.29
N PHE B 75 13.13 4.10 -17.42
CA PHE B 75 14.27 4.56 -16.62
C PHE B 75 14.90 3.46 -15.80
N ARG B 76 16.23 3.46 -15.73
CA ARG B 76 16.96 2.45 -14.98
C ARG B 76 17.95 3.14 -14.06
N ASP B 77 17.97 2.80 -12.77
CA ASP B 77 19.06 3.28 -11.87
C ASP B 77 20.45 2.77 -12.45
N PRO B 78 21.45 3.65 -12.67
CA PRO B 78 22.78 3.12 -13.13
C PRO B 78 23.45 2.31 -12.03
N ASP B 79 23.09 2.55 -10.76
CA ASP B 79 23.62 1.71 -9.70
C ASP B 79 22.78 0.43 -9.47
N GLN B 80 21.58 0.31 -10.09
CA GLN B 80 20.75 -0.94 -10.03
C GLN B 80 20.42 -1.38 -8.61
N LEU B 81 20.26 -0.42 -7.71
CA LEU B 81 20.02 -0.73 -6.31
C LEU B 81 18.66 -1.38 -6.08
N VAL B 82 18.64 -2.44 -5.26
CA VAL B 82 17.41 -2.96 -4.73
C VAL B 82 17.61 -2.95 -3.23
N TYR B 83 16.55 -3.25 -2.46
CA TYR B 83 16.60 -3.22 -1.04
C TYR B 83 17.71 -4.12 -0.45
N ARG B 84 17.88 -5.27 -1.07
CA ARG B 84 18.81 -6.25 -0.53
C ARG B 84 20.22 -5.72 -0.70
N THR B 85 20.53 -5.17 -1.86
CA THR B 85 21.90 -4.73 -2.13
C THR B 85 22.13 -3.36 -1.49
N TYR B 86 21.06 -2.61 -1.23
CA TYR B 86 21.19 -1.35 -0.49
C TYR B 86 21.72 -1.61 0.88
N ASN B 87 21.06 -2.53 1.59
CA ASN B 87 21.50 -2.87 2.92
C ASN B 87 22.90 -3.57 3.01
N LEU B 88 23.26 -4.49 2.05
CA LEU B 88 24.62 -5.00 1.98
C LEU B 88 25.61 -3.82 1.90
N LEU B 89 25.40 -2.94 0.95
CA LEU B 89 26.28 -1.79 0.73
C LEU B 89 26.35 -0.94 2.03
N GLN B 90 25.20 -0.51 2.52
CA GLN B 90 25.21 0.50 3.64
C GLN B 90 25.59 -0.14 4.95
N ASP B 91 25.32 -1.43 5.11
CA ASP B 91 25.86 -2.10 6.28
C ASP B 91 27.39 -2.08 6.32
N GLY B 92 28.04 -2.28 5.17
CA GLY B 92 29.48 -2.14 5.17
C GLY B 92 29.98 -0.72 5.44
N GLN B 93 29.37 0.26 4.79
CA GLN B 93 29.75 1.64 5.01
C GLN B 93 29.53 2.06 6.43
N GLU B 94 28.48 1.55 7.11
CA GLU B 94 28.26 1.88 8.54
C GLU B 94 29.21 1.16 9.46
N SER B 95 29.68 -0.04 9.08
CA SER B 95 30.74 -0.66 9.90
C SER B 95 31.98 0.20 9.88
N TYR B 96 32.27 0.87 8.75
CA TYR B 96 33.35 1.79 8.68
C TYR B 96 33.10 3.02 9.60
N VAL B 97 31.93 3.69 9.45
CA VAL B 97 31.68 4.90 10.16
C VAL B 97 31.54 4.61 11.63
N GLN B 98 30.79 3.57 11.98
CA GLN B 98 30.57 3.25 13.42
C GLN B 98 31.92 2.79 14.03
N GLY B 99 32.78 2.13 13.24
CA GLY B 99 34.10 1.89 13.70
C GLY B 99 34.94 3.16 13.95
N LEU B 100 34.84 4.16 13.06
CA LEU B 100 35.47 5.44 13.33
C LEU B 100 35.01 6.05 14.64
N PHE B 101 33.70 6.03 14.87
CA PHE B 101 33.15 6.65 16.05
C PHE B 101 33.76 5.96 17.25
N ASP B 102 33.69 4.62 17.28
CA ASP B 102 34.13 3.84 18.42
C ASP B 102 35.62 4.04 18.70
N GLN B 103 36.45 3.95 17.66
CA GLN B 103 37.89 3.96 17.88
C GLN B 103 38.48 5.38 18.09
N LEU B 104 37.86 6.39 17.48
CA LEU B 104 38.37 7.72 17.77
C LEU B 104 37.87 8.14 19.18
N ASN B 105 36.75 7.61 19.64
CA ASN B 105 36.34 7.88 20.99
C ASN B 105 37.35 7.22 21.96
N ASP B 106 37.83 6.01 21.60
CA ASP B 106 38.70 5.24 22.52
C ASP B 106 39.98 6.02 22.72
N ARG B 107 40.33 6.78 21.70
CA ARG B 107 41.54 7.59 21.63
C ARG B 107 41.37 8.98 22.26
N GLY B 108 40.16 9.36 22.71
CA GLY B 108 39.96 10.75 23.24
C GLY B 108 40.10 11.82 22.13
N HIS B 109 39.64 11.52 20.91
CA HIS B 109 39.78 12.48 19.76
C HIS B 109 39.12 13.88 20.05
N ASP B 110 37.96 13.86 20.71
CA ASP B 110 37.17 15.09 20.92
C ASP B 110 37.82 16.04 21.95
N GLN B 111 38.42 15.44 23.01
CA GLN B 111 39.31 16.15 23.96
C GLN B 111 40.49 16.87 23.35
N MET B 112 40.93 16.46 22.17
CA MET B 112 42.11 17.11 21.55
C MET B 112 41.70 18.29 20.65
N LEU B 113 40.38 18.56 20.46
CA LEU B 113 40.03 19.69 19.56
C LEU B 113 40.25 21.01 20.29
N THR B 114 40.59 22.06 19.57
CA THR B 114 40.75 23.36 20.24
C THR B 114 39.35 23.98 20.56
N ARG B 115 39.32 24.86 21.56
CA ARG B 115 38.11 25.56 21.94
C ARG B 115 37.50 26.28 20.71
N GLU B 116 38.34 26.94 19.91
CA GLU B 116 37.89 27.61 18.71
C GLU B 116 37.11 26.67 17.79
N TRP B 117 37.73 25.55 17.43
CA TRP B 117 37.10 24.60 16.57
C TRP B 117 35.78 24.07 17.21
N VAL B 118 35.79 23.80 18.50
CA VAL B 118 34.57 23.34 19.16
C VAL B 118 33.43 24.36 18.92
N GLU B 119 33.78 25.63 19.00
CA GLU B 119 32.80 26.66 18.75
C GLU B 119 32.35 26.72 17.30
N THR B 120 33.28 26.56 16.35
CA THR B 120 32.94 26.37 14.95
C THR B 120 31.95 25.16 14.69
N LEU B 121 32.17 24.04 15.39
CA LEU B 121 31.26 22.91 15.23
C LEU B 121 29.82 23.29 15.67
N ALA B 122 29.71 24.02 16.78
CA ALA B 122 28.39 24.34 17.35
C ALA B 122 27.59 25.22 16.36
N ARG B 123 28.34 26.05 15.64
CA ARG B 123 27.82 26.96 14.67
C ARG B 123 27.52 26.35 13.30
N PHE B 124 28.51 25.67 12.76
CA PHE B 124 28.53 25.23 11.35
C PHE B 124 28.27 23.74 11.12
N TYR B 125 28.47 22.91 12.15
CA TYR B 125 28.28 21.46 12.03
C TYR B 125 26.96 20.92 12.57
N THR B 126 26.73 21.04 13.88
CA THR B 126 25.61 20.35 14.44
C THR B 126 24.21 20.85 14.01
N PRO B 127 24.08 22.15 13.64
CA PRO B 127 22.72 22.55 13.21
C PRO B 127 22.29 21.94 11.86
N ALA B 128 23.21 21.32 11.15
CA ALA B 128 22.85 20.52 9.97
C ALA B 128 21.81 19.42 10.28
N ARG B 129 21.57 19.02 11.54
CA ARG B 129 20.50 18.04 11.72
C ARG B 129 19.18 18.56 11.05
N TYR B 130 18.96 19.86 11.05
CA TYR B 130 17.76 20.41 10.40
C TYR B 130 17.83 20.37 8.86
N LEU B 131 18.96 20.75 8.29
CA LEU B 131 19.07 20.80 6.84
C LEU B 131 19.03 19.35 6.23
N PHE B 132 19.66 18.39 6.90
CA PHE B 132 19.67 17.01 6.48
C PHE B 132 18.29 16.38 6.61
N HIS B 133 17.55 16.68 7.72
CA HIS B 133 16.15 16.21 7.79
C HIS B 133 15.23 16.84 6.69
N ALA B 134 15.46 18.12 6.41
CA ALA B 134 14.75 18.81 5.30
C ALA B 134 15.03 18.15 3.93
N LEU B 135 16.26 17.66 3.71
CA LEU B 135 16.54 16.93 2.48
C LEU B 135 15.81 15.59 2.49
N GLN B 136 15.77 14.93 3.65
CA GLN B 136 15.06 13.69 3.80
C GLN B 136 13.59 13.87 3.47
N MET B 137 12.98 14.98 3.90
CA MET B 137 11.60 15.28 3.51
C MET B 137 11.54 15.58 2.02
N GLY B 138 12.55 16.27 1.52
CA GLY B 138 12.62 16.60 0.09
C GLY B 138 12.63 15.42 -0.84
N SER B 139 13.46 14.42 -0.55
CA SER B 139 13.60 13.30 -1.50
C SER B 139 12.43 12.34 -1.29
N VAL B 140 11.82 12.33 -0.09
CA VAL B 140 10.74 11.41 0.14
C VAL B 140 9.45 11.99 -0.48
N TYR B 141 9.41 13.32 -0.71
CA TYR B 141 8.33 13.84 -1.53
C TYR B 141 8.53 13.40 -3.00
N ILE B 142 9.78 13.48 -3.51
CA ILE B 142 10.01 12.98 -4.86
C ILE B 142 9.53 11.55 -5.05
N HIS B 143 9.90 10.69 -4.10
CA HIS B 143 9.34 9.34 -4.10
C HIS B 143 7.80 9.25 -4.43
N GLN B 144 6.95 10.01 -3.73
CA GLN B 144 5.55 9.72 -3.76
C GLN B 144 4.86 10.41 -4.94
N ILE B 145 5.55 11.26 -5.67
CA ILE B 145 4.88 11.93 -6.78
C ILE B 145 5.56 11.61 -8.15
N ALA B 146 6.72 10.97 -8.16
CA ALA B 146 7.36 10.58 -9.46
C ALA B 146 6.57 9.57 -10.33
N PRO B 147 6.74 9.64 -11.69
CA PRO B 147 5.89 8.82 -12.62
C PRO B 147 6.30 7.38 -12.86
N ALA B 148 7.34 6.88 -12.23
CA ALA B 148 7.68 5.47 -12.51
C ALA B 148 8.33 4.83 -11.30
N SER B 149 8.12 3.54 -11.08
CA SER B 149 8.66 2.94 -9.87
C SER B 149 10.20 2.96 -9.83
N THR B 150 10.86 2.88 -10.99
CA THR B 150 12.35 2.91 -10.95
C THR B 150 12.85 4.30 -10.56
N ILE B 151 12.06 5.33 -10.84
CA ILE B 151 12.45 6.67 -10.40
C ILE B 151 12.19 6.84 -8.89
N THR B 152 10.99 6.47 -8.43
CA THR B 152 10.68 6.31 -7.02
C THR B 152 11.76 5.62 -6.18
N ASN B 153 12.27 4.47 -6.64
CA ASN B 153 13.19 3.71 -5.82
C ASN B 153 14.49 4.46 -5.63
N CYS B 154 15.04 5.08 -6.68
CA CYS B 154 16.21 5.90 -6.46
C CYS B 154 15.97 6.92 -5.30
N ALA B 155 14.78 7.53 -5.28
CA ALA B 155 14.43 8.52 -4.29
C ALA B 155 14.19 7.85 -2.90
N THR B 156 13.70 6.60 -2.92
CA THR B 156 13.56 5.80 -1.70
C THR B 156 14.89 5.66 -0.97
N TYR B 157 15.89 5.13 -1.68
CA TYR B 157 17.21 4.91 -1.11
C TYR B 157 17.95 6.22 -0.83
N GLU B 158 17.69 7.27 -1.60
CA GLU B 158 18.30 8.52 -1.30
C GLU B 158 17.71 9.07 0.03
N THR B 159 16.43 8.84 0.27
CA THR B 159 15.81 9.31 1.53
C THR B 159 16.42 8.67 2.78
N ALA B 160 16.56 7.35 2.71
CA ALA B 160 17.20 6.55 3.72
C ALA B 160 18.66 7.10 3.98
N ASP B 161 19.40 7.47 2.93
CA ASP B 161 20.71 8.16 3.06
C ASP B 161 20.60 9.49 3.73
N HIS B 162 19.62 10.31 3.37
CA HIS B 162 19.49 11.56 4.05
C HIS B 162 19.27 11.26 5.55
N LEU B 163 18.45 10.26 5.89
CA LEU B 163 18.19 9.89 7.33
C LEU B 163 19.51 9.36 8.00
N ARG B 164 20.31 8.63 7.21
CA ARG B 164 21.65 8.21 7.65
C ARG B 164 22.49 9.45 8.07
N TRP B 165 22.52 10.51 7.25
CA TRP B 165 23.29 11.70 7.60
C TRP B 165 22.79 12.44 8.85
N LEU B 166 21.46 12.58 8.93
CA LEU B 166 20.83 13.08 10.17
C LEU B 166 21.28 12.28 11.39
N THR B 167 21.23 10.95 11.29
CA THR B 167 21.56 10.06 12.37
C THR B 167 23.04 10.19 12.80
N HIS B 168 23.99 10.24 11.83
CA HIS B 168 25.39 10.51 12.19
C HIS B 168 25.46 11.84 13.00
N THR B 169 24.83 12.86 12.48
CA THR B 169 24.90 14.21 13.09
C THR B 169 24.31 14.20 14.49
N ALA B 170 23.19 13.51 14.66
CA ALA B 170 22.56 13.41 16.03
C ALA B 170 23.48 12.72 17.03
N TYR B 171 24.10 11.60 16.60
CA TYR B 171 25.02 10.84 17.43
C TYR B 171 26.24 11.74 17.82
N ARG B 172 26.83 12.43 16.84
CA ARG B 172 28.03 13.18 17.16
C ARG B 172 27.71 14.40 18.04
N THR B 173 26.49 14.95 17.89
CA THR B 173 25.98 16.04 18.72
C THR B 173 25.96 15.62 20.18
N ARG B 174 25.49 14.41 20.46
CA ARG B 174 25.44 14.01 21.86
C ARG B 174 26.91 13.78 22.38
N GLU B 175 27.80 13.21 21.56
CA GLU B 175 29.18 12.97 22.03
C GLU B 175 29.87 14.30 22.30
N LEU B 176 29.64 15.27 21.41
CA LEU B 176 30.15 16.63 21.58
C LEU B 176 29.55 17.28 22.82
N ALA B 177 28.26 17.13 23.05
CA ALA B 177 27.69 17.66 24.30
C ALA B 177 28.29 17.00 25.53
N ASN B 178 28.59 15.69 25.47
CA ASN B 178 29.17 15.01 26.63
C ASN B 178 30.54 15.55 26.94
N CYS B 179 31.33 15.79 25.90
CA CYS B 179 32.67 16.32 26.02
C CYS B 179 32.72 17.82 26.36
N TYR B 180 31.75 18.61 25.87
CA TYR B 180 31.72 20.08 26.06
C TYR B 180 30.34 20.55 26.53
N PRO B 181 29.93 20.16 27.75
CA PRO B 181 28.57 20.40 28.28
C PRO B 181 28.16 21.86 28.37
N ASP B 182 29.12 22.76 28.37
CA ASP B 182 28.86 24.20 28.44
C ASP B 182 28.52 24.83 27.10
N VAL B 183 28.74 24.13 26.02
CA VAL B 183 28.65 24.77 24.69
C VAL B 183 27.15 24.93 24.27
N GLY B 184 26.30 24.05 24.80
CA GLY B 184 24.90 24.01 24.39
C GLY B 184 24.62 23.07 23.19
N PHE B 185 25.60 22.23 22.78
CA PHE B 185 25.31 21.15 21.80
C PHE B 185 24.01 20.42 22.13
N GLY B 186 23.14 20.27 21.12
CA GLY B 186 21.86 19.55 21.29
C GLY B 186 20.70 20.50 21.67
N LYS B 187 21.00 21.60 22.37
CA LYS B 187 19.99 22.58 22.81
C LYS B 187 19.88 23.77 21.88
N ARG B 188 21.01 24.19 21.32
CA ARG B 188 21.01 25.44 20.62
C ARG B 188 20.74 25.37 19.16
N GLU B 189 20.78 24.17 18.58
CA GLU B 189 20.87 24.14 17.07
C GLU B 189 19.62 24.78 16.38
N ARG B 190 18.43 24.59 16.96
CA ARG B 190 17.21 25.19 16.36
C ARG B 190 17.31 26.77 16.23
N ASP B 191 17.81 27.40 17.29
CA ASP B 191 18.02 28.84 17.25
C ASP B 191 19.09 29.24 16.26
N VAL B 192 20.12 28.43 16.07
CA VAL B 192 21.15 28.75 15.06
C VAL B 192 20.54 28.57 13.65
N TRP B 193 19.84 27.44 13.43
CA TRP B 193 19.19 27.22 12.09
C TRP B 193 18.15 28.33 11.75
N GLU B 194 17.33 28.73 12.75
CA GLU B 194 16.29 29.77 12.58
C GLU B 194 16.82 31.20 12.46
N ASN B 195 17.92 31.56 13.17
CA ASN B 195 18.30 32.96 13.37
C ASN B 195 19.70 33.36 12.91
N ASP B 196 20.60 32.41 12.63
CA ASP B 196 21.99 32.77 12.33
C ASP B 196 22.12 33.13 10.85
N PRO B 197 22.67 34.31 10.53
CA PRO B 197 22.66 34.65 9.14
C PRO B 197 23.36 33.60 8.29
N ALA B 198 24.32 32.83 8.86
CA ALA B 198 25.08 31.90 8.01
C ALA B 198 24.16 30.79 7.52
N TRP B 199 23.07 30.51 8.26
CA TRP B 199 22.12 29.47 7.83
C TRP B 199 20.88 29.93 6.99
N GLN B 200 20.65 31.25 6.90
CA GLN B 200 19.40 31.76 6.31
C GLN B 200 19.38 31.57 4.78
N GLY B 201 20.53 31.61 4.08
CA GLY B 201 20.47 31.32 2.64
C GLY B 201 19.97 29.89 2.45
N PHE B 202 20.54 28.91 3.18
CA PHE B 202 20.07 27.55 3.08
C PHE B 202 18.63 27.35 3.52
N ARG B 203 18.25 28.04 4.59
CA ARG B 203 16.93 27.86 5.20
C ARG B 203 15.83 28.34 4.25
N GLU B 204 16.11 29.41 3.53
CA GLU B 204 15.15 29.98 2.60
C GLU B 204 15.08 29.07 1.38
N LEU B 205 16.25 28.64 0.88
CA LEU B 205 16.30 27.75 -0.30
C LEU B 205 15.46 26.44 -0.06
N ILE B 206 15.65 25.81 1.09
CA ILE B 206 15.05 24.52 1.32
C ILE B 206 13.54 24.68 1.70
N GLU B 207 13.18 25.71 2.46
CA GLU B 207 11.74 25.94 2.75
C GLU B 207 11.00 26.18 1.44
N LYS B 208 11.56 26.98 0.50
CA LYS B 208 10.89 27.21 -0.77
C LYS B 208 10.90 25.94 -1.59
N ALA B 209 12.03 25.24 -1.64
CA ALA B 209 12.08 24.07 -2.52
C ALA B 209 11.08 23.02 -2.01
N LEU B 210 10.78 23.02 -0.71
CA LEU B 210 9.93 21.95 -0.17
C LEU B 210 8.46 22.11 -0.53
N ILE B 211 8.08 23.26 -1.11
CA ILE B 211 6.69 23.41 -1.60
C ILE B 211 6.62 23.47 -3.15
N ALA B 212 7.70 23.10 -3.83
CA ALA B 212 7.65 22.86 -5.28
C ALA B 212 7.05 21.45 -5.53
N TRP B 213 5.72 21.40 -5.77
CA TRP B 213 5.03 20.09 -5.78
C TRP B 213 5.10 19.33 -7.09
N ASP B 214 5.41 20.02 -8.18
CA ASP B 214 5.47 19.38 -9.49
C ASP B 214 6.63 18.38 -9.43
N TRP B 215 6.47 17.15 -9.92
CA TRP B 215 7.55 16.17 -9.64
C TRP B 215 8.85 16.61 -10.28
N GLY B 216 8.73 17.16 -11.49
CA GLY B 216 9.93 17.49 -12.24
C GLY B 216 10.64 18.67 -11.59
N GLU B 217 9.85 19.63 -11.15
CA GLU B 217 10.47 20.76 -10.45
C GLU B 217 11.03 20.29 -9.09
N ALA B 218 10.37 19.34 -8.42
CA ALA B 218 10.88 18.85 -7.12
C ALA B 218 12.23 18.18 -7.34
N PHE B 219 12.30 17.30 -8.33
CA PHE B 219 13.58 16.72 -8.74
C PHE B 219 14.66 17.75 -9.01
N THR B 220 14.31 18.82 -9.70
CA THR B 220 15.34 19.79 -10.07
C THR B 220 15.74 20.63 -8.85
N ALA B 221 14.77 21.17 -8.12
CA ALA B 221 15.10 21.97 -6.96
C ALA B 221 15.85 21.18 -5.85
N ILE B 222 15.45 19.94 -5.57
CA ILE B 222 16.11 19.15 -4.52
C ILE B 222 17.38 18.54 -5.04
N ASN B 223 17.32 17.84 -6.18
CA ASN B 223 18.47 17.02 -6.59
C ASN B 223 19.46 17.74 -7.49
N LEU B 224 19.00 18.65 -8.34
CA LEU B 224 19.97 19.27 -9.23
C LEU B 224 20.57 20.55 -8.67
N VAL B 225 19.84 21.26 -7.81
CA VAL B 225 20.29 22.61 -7.36
C VAL B 225 20.59 22.62 -5.85
N THR B 226 19.65 22.16 -5.02
CA THR B 226 19.89 22.24 -3.61
C THR B 226 20.97 21.27 -3.07
N LYS B 227 20.85 20.00 -3.40
CA LYS B 227 21.82 19.01 -2.93
C LYS B 227 23.28 19.35 -3.30
N PRO B 228 23.53 19.72 -4.59
CA PRO B 228 24.97 20.05 -4.89
C PRO B 228 25.46 21.19 -4.05
N ALA B 229 24.61 22.16 -3.79
CA ALA B 229 25.03 23.31 -2.97
C ALA B 229 25.26 22.91 -1.49
N VAL B 230 24.34 22.09 -0.95
CA VAL B 230 24.45 21.64 0.44
C VAL B 230 25.72 20.77 0.62
N GLU B 231 25.98 19.90 -0.39
CA GLU B 231 27.06 18.92 -0.30
C GLU B 231 28.42 19.62 -0.44
N GLU B 232 28.53 20.60 -1.35
CA GLU B 232 29.78 21.35 -1.44
C GLU B 232 30.01 22.23 -0.20
N ALA B 233 28.99 22.94 0.30
CA ALA B 233 29.24 23.72 1.50
C ALA B 233 29.55 22.86 2.74
N LEU B 234 28.64 21.96 3.10
CA LEU B 234 28.70 21.27 4.39
C LEU B 234 29.59 20.02 4.31
N LEU B 235 29.74 19.39 3.14
CA LEU B 235 30.58 18.19 3.19
C LEU B 235 31.96 18.56 2.62
N GLN B 236 32.01 19.11 1.42
CA GLN B 236 33.31 19.41 0.83
C GLN B 236 34.04 20.51 1.64
N GLN B 237 33.44 21.71 1.79
CA GLN B 237 34.17 22.81 2.40
C GLN B 237 34.29 22.63 3.94
N LEU B 238 33.21 22.27 4.63
CA LEU B 238 33.37 22.12 6.08
C LEU B 238 34.32 20.91 6.36
N GLY B 239 34.27 19.85 5.52
CA GLY B 239 35.14 18.65 5.78
C GLY B 239 36.66 18.93 5.66
N SER B 240 37.05 19.62 4.59
CA SER B 240 38.44 20.11 4.41
C SER B 240 38.89 21.03 5.48
N LEU B 241 38.03 21.97 5.84
CA LEU B 241 38.32 22.82 6.95
C LEU B 241 38.55 21.90 8.16
N ALA B 242 37.63 20.94 8.43
CA ALA B 242 37.74 20.07 9.66
C ALA B 242 39.13 19.39 9.75
N GLN B 243 39.48 18.77 8.64
CA GLN B 243 40.75 18.06 8.53
C GLN B 243 41.94 19.06 8.80
N SER B 244 41.93 20.26 8.20
CA SER B 244 43.02 21.19 8.43
C SER B 244 43.04 21.73 9.86
N GLU B 245 41.91 21.64 10.57
CA GLU B 245 41.84 22.14 11.95
C GLU B 245 42.06 21.06 13.00
N GLY B 246 42.36 19.85 12.55
CA GLY B 246 42.67 18.78 13.49
C GLY B 246 41.50 17.89 13.83
N ASP B 247 40.36 18.07 13.14
CA ASP B 247 39.14 17.26 13.47
C ASP B 247 39.18 16.10 12.46
N THR B 248 39.93 15.05 12.77
CA THR B 248 40.06 14.00 11.79
C THR B 248 38.72 13.23 11.65
N LEU B 249 37.94 13.12 12.72
CA LEU B 249 36.65 12.47 12.64
C LEU B 249 35.75 13.10 11.59
N LEU B 250 35.58 14.40 11.65
CA LEU B 250 34.61 15.04 10.75
C LEU B 250 35.13 15.05 9.29
N GLY B 251 36.45 15.18 9.11
CA GLY B 251 37.07 15.18 7.75
C GLY B 251 36.72 13.80 7.17
N LEU B 252 36.83 12.74 7.95
CA LEU B 252 36.50 11.43 7.38
C LEU B 252 34.95 11.12 7.20
N LEU B 253 34.16 11.50 8.19
CA LEU B 253 32.71 11.41 8.18
C LEU B 253 32.14 12.09 6.94
N ALA B 254 32.58 13.34 6.70
CA ALA B 254 32.05 14.10 5.58
C ALA B 254 32.36 13.40 4.28
N GLN B 255 33.53 12.81 4.17
CA GLN B 255 33.92 12.20 2.90
C GLN B 255 33.15 10.88 2.67
N ALA B 256 32.79 10.22 3.79
CA ALA B 256 32.00 9.01 3.76
C ALA B 256 30.57 9.36 3.32
N GLN B 257 30.01 10.42 3.88
CA GLN B 257 28.67 10.85 3.47
C GLN B 257 28.67 11.26 2.00
N LYS B 258 29.78 11.83 1.51
CA LYS B 258 29.88 12.29 0.09
C LYS B 258 29.79 11.14 -0.92
N ARG B 259 30.11 9.93 -0.51
CA ARG B 259 29.90 8.74 -1.37
C ARG B 259 28.38 8.54 -1.67
N ASP B 260 27.55 8.70 -0.64
CA ASP B 260 26.05 8.71 -0.87
C ASP B 260 25.69 9.82 -1.85
N ALA B 261 26.27 11.00 -1.66
CA ALA B 261 25.88 12.12 -2.51
C ALA B 261 26.32 11.88 -4.00
N GLU B 262 27.47 11.25 -4.21
CA GLU B 262 27.92 10.93 -5.55
C GLU B 262 26.95 9.93 -6.14
N ARG B 263 26.42 8.99 -5.35
CA ARG B 263 25.45 8.02 -5.90
C ARG B 263 24.14 8.75 -6.30
N HIS B 264 23.71 9.71 -5.49
CA HIS B 264 22.48 10.46 -5.84
C HIS B 264 22.66 11.26 -7.14
N ARG B 265 23.88 11.79 -7.32
CA ARG B 265 24.23 12.50 -8.55
C ARG B 265 24.26 11.58 -9.76
N ARG B 266 24.76 10.37 -9.63
CA ARG B 266 24.70 9.40 -10.73
C ARG B 266 23.29 9.12 -11.22
N TRP B 267 22.33 8.90 -10.34
CA TRP B 267 20.97 8.61 -10.81
C TRP B 267 20.29 9.85 -11.35
N SER B 268 20.50 10.98 -10.67
CA SER B 268 19.99 12.28 -11.18
C SER B 268 20.51 12.52 -12.64
N SER B 269 21.80 12.25 -12.84
CA SER B 269 22.40 12.46 -14.13
C SER B 269 21.76 11.50 -15.14
N ALA B 270 21.47 10.26 -14.72
CA ALA B 270 20.82 9.33 -15.66
C ALA B 270 19.42 9.81 -16.01
N LEU B 271 18.74 10.46 -15.07
CA LEU B 271 17.39 10.81 -15.36
C LEU B 271 17.37 12.01 -16.31
N VAL B 272 18.28 12.94 -16.10
CA VAL B 272 18.35 14.10 -16.92
C VAL B 272 18.68 13.59 -18.37
N LYS B 273 19.59 12.62 -18.47
CA LYS B 273 19.95 12.04 -19.77
C LYS B 273 18.69 11.50 -20.43
N MET B 274 17.90 10.75 -19.67
CA MET B 274 16.71 10.17 -20.28
C MET B 274 15.78 11.31 -20.73
N ALA B 275 15.57 12.33 -19.88
CA ALA B 275 14.71 13.45 -20.26
C ALA B 275 15.16 14.16 -21.57
N LEU B 276 16.47 14.32 -21.76
CA LEU B 276 16.96 15.01 -22.95
C LEU B 276 16.72 14.17 -24.28
N GLU B 277 16.15 12.95 -24.19
CA GLU B 277 15.76 12.23 -25.40
C GLU B 277 14.59 12.94 -26.04
N LYS B 278 13.92 13.78 -25.26
CA LYS B 278 12.70 14.41 -25.71
C LYS B 278 12.91 15.91 -25.92
N GLU B 279 12.52 16.40 -27.10
CA GLU B 279 12.61 17.83 -27.46
C GLU B 279 11.85 18.68 -26.50
N GLY B 280 12.47 19.78 -26.09
CA GLY B 280 11.86 20.75 -25.15
C GLY B 280 12.22 20.54 -23.66
N ASN B 281 12.57 19.32 -23.26
CA ASN B 281 12.90 19.01 -21.86
C ASN B 281 14.17 19.74 -21.35
N ARG B 282 15.25 19.83 -22.17
CA ARG B 282 16.47 20.56 -21.76
C ARG B 282 16.09 21.98 -21.35
N GLU B 283 15.29 22.62 -22.18
CA GLU B 283 14.85 23.94 -21.88
C GLU B 283 13.97 24.04 -20.59
N VAL B 284 13.14 23.01 -20.35
CA VAL B 284 12.23 22.96 -19.19
C VAL B 284 13.09 22.92 -17.90
N LEU B 285 14.11 22.04 -17.95
CA LEU B 285 15.09 21.88 -16.88
C LEU B 285 15.95 23.13 -16.66
N GLN B 286 16.45 23.72 -17.75
CA GLN B 286 17.24 24.97 -17.66
C GLN B 286 16.46 26.12 -17.08
N LYS B 287 15.16 26.17 -17.34
CA LYS B 287 14.35 27.22 -16.80
C LYS B 287 14.14 27.09 -15.29
N TRP B 288 13.96 25.84 -14.83
CA TRP B 288 13.86 25.53 -13.40
C TRP B 288 15.20 25.79 -12.69
N VAL B 289 16.31 25.32 -13.28
CA VAL B 289 17.65 25.63 -12.76
C VAL B 289 17.82 27.14 -12.60
N ALA B 290 17.44 27.91 -13.64
CA ALA B 290 17.62 29.37 -13.58
C ALA B 290 16.77 30.04 -12.52
N LYS B 291 15.62 29.48 -12.20
CA LYS B 291 14.80 30.03 -11.11
C LYS B 291 15.42 29.74 -9.74
N TRP B 292 16.01 28.54 -9.57
CA TRP B 292 16.50 28.10 -8.24
C TRP B 292 17.97 28.44 -7.96
N GLU B 293 18.81 28.47 -9.01
CA GLU B 293 20.23 28.75 -8.88
C GLU B 293 20.56 30.02 -8.05
N PRO B 294 19.86 31.13 -8.29
CA PRO B 294 20.15 32.29 -7.44
C PRO B 294 19.93 32.04 -5.93
N LEU B 295 18.91 31.26 -5.55
CA LEU B 295 18.78 30.85 -4.13
C LEU B 295 19.94 29.97 -3.65
N ALA B 296 20.46 29.12 -4.51
CA ALA B 296 21.59 28.30 -4.12
C ALA B 296 22.85 29.17 -3.93
N ASP B 297 23.08 30.11 -4.87
CA ASP B 297 24.18 31.07 -4.73
C ASP B 297 24.13 31.76 -3.35
N LYS B 298 22.97 32.34 -2.98
CA LYS B 298 22.77 32.98 -1.68
C LYS B 298 23.06 32.05 -0.52
N ALA B 299 22.61 30.80 -0.64
CA ALA B 299 22.81 29.80 0.41
C ALA B 299 24.31 29.61 0.68
N ILE B 300 25.03 29.36 -0.42
CA ILE B 300 26.47 29.15 -0.39
C ILE B 300 27.21 30.41 0.07
N GLU B 301 26.79 31.60 -0.41
CA GLU B 301 27.48 32.83 0.00
C GLU B 301 27.29 33.02 1.50
N ALA B 302 26.08 32.83 2.03
CA ALA B 302 25.89 33.18 3.48
C ALA B 302 26.63 32.21 4.39
N TYR B 303 26.65 30.93 4.02
CA TYR B 303 27.27 29.94 4.85
C TYR B 303 28.82 30.04 4.66
N CYS B 304 29.35 29.88 3.45
CA CYS B 304 30.79 29.84 3.30
C CYS B 304 31.54 31.14 3.61
N SER B 305 30.87 32.30 3.55
CA SER B 305 31.57 33.57 3.78
C SER B 305 31.87 33.71 5.26
N ALA B 306 31.04 33.10 6.07
CA ALA B 306 31.25 33.11 7.52
C ALA B 306 32.33 32.13 7.97
N LEU B 307 32.77 31.22 7.11
CA LEU B 307 33.91 30.33 7.43
C LEU B 307 35.24 31.07 7.27
N PRO B 308 36.35 30.57 7.90
CA PRO B 308 37.73 31.09 7.59
C PRO B 308 38.03 30.93 6.11
N ASP B 309 38.68 31.92 5.50
CA ASP B 309 39.01 31.82 4.07
C ASP B 309 37.69 31.74 3.26
N GLY B 310 36.70 32.51 3.74
CA GLY B 310 35.33 32.42 3.25
C GLY B 310 35.20 32.60 1.76
N GLU B 311 35.92 33.58 1.23
CA GLU B 311 35.73 33.96 -0.14
C GLU B 311 36.15 32.85 -1.14
N ASN B 312 37.27 32.18 -0.83
CA ASN B 312 37.71 31.02 -1.58
C ASN B 312 36.74 29.81 -1.47
N ALA B 313 36.17 29.57 -0.27
CA ALA B 313 35.21 28.47 -0.08
C ALA B 313 33.99 28.72 -0.97
N ILE B 314 33.54 29.98 -1.05
CA ILE B 314 32.43 30.38 -1.91
C ILE B 314 32.77 30.11 -3.40
N VAL B 315 33.91 30.61 -3.86
CA VAL B 315 34.31 30.37 -5.24
C VAL B 315 34.32 28.89 -5.58
N GLU B 316 34.97 28.03 -4.79
CA GLU B 316 35.00 26.56 -5.05
C GLU B 316 33.64 25.83 -4.94
N ALA B 317 32.85 26.07 -3.89
CA ALA B 317 31.54 25.46 -3.75
C ALA B 317 30.68 25.88 -4.98
N LYS B 318 30.72 27.14 -5.40
CA LYS B 318 29.92 27.58 -6.55
C LYS B 318 30.33 26.85 -7.78
N SER B 319 31.62 26.73 -8.05
CA SER B 319 31.96 26.14 -9.35
C SER B 319 31.79 24.63 -9.33
N ALA B 320 32.06 24.00 -8.18
CA ALA B 320 31.87 22.56 -8.06
C ALA B 320 30.40 22.15 -8.16
N SER B 321 29.51 22.92 -7.59
CA SER B 321 28.07 22.62 -7.73
C SER B 321 27.52 22.89 -9.15
N ARG B 322 27.94 23.98 -9.79
CA ARG B 322 27.69 24.20 -11.24
C ARG B 322 28.21 23.10 -12.15
N TYR B 323 29.40 22.59 -11.83
CA TYR B 323 30.03 21.53 -12.65
C TYR B 323 29.17 20.25 -12.68
N VAL B 324 28.45 19.97 -11.58
CA VAL B 324 27.56 18.81 -11.54
C VAL B 324 26.52 18.88 -12.64
N ARG B 325 25.87 20.03 -12.77
CA ARG B 325 24.82 20.25 -13.75
C ARG B 325 25.38 20.40 -15.19
N GLN B 326 26.50 21.11 -15.34
CA GLN B 326 27.09 21.22 -16.69
C GLN B 326 27.47 19.86 -17.30
N MET B 327 27.96 18.91 -16.49
CA MET B 327 28.31 17.58 -16.99
C MET B 327 27.09 16.74 -17.36
N MET B 328 25.88 17.19 -16.93
CA MET B 328 24.64 16.52 -17.37
C MET B 328 24.18 17.12 -18.68
N GLY B 329 24.89 18.14 -19.18
CA GLY B 329 24.52 18.74 -20.42
C GLY B 329 23.54 19.85 -20.18
N LEU B 330 23.46 20.31 -18.93
CA LEU B 330 22.69 21.53 -18.75
C LEU B 330 23.70 22.70 -18.77
N ALA C 2 -36.99 -1.25 -24.14
CA ALA C 2 -37.66 -2.39 -23.50
C ALA C 2 -36.77 -3.33 -22.67
N THR C 3 -35.49 -3.51 -23.00
CA THR C 3 -34.56 -4.20 -22.03
C THR C 3 -34.34 -3.30 -20.81
N PHE C 4 -34.43 -3.87 -19.61
CA PHE C 4 -34.39 -3.09 -18.38
C PHE C 4 -33.67 -3.94 -17.32
N PRO C 5 -32.62 -3.39 -16.65
CA PRO C 5 -31.86 -4.23 -15.72
C PRO C 5 -32.47 -4.26 -14.33
N ILE C 6 -32.57 -5.44 -13.72
CA ILE C 6 -32.95 -5.52 -12.33
C ILE C 6 -31.95 -6.37 -11.58
N MET C 7 -31.97 -6.29 -10.26
CA MET C 7 -31.13 -7.18 -9.50
C MET C 7 -32.05 -8.21 -8.82
N SER C 8 -31.73 -9.48 -9.02
CA SER C 8 -32.56 -10.55 -8.54
C SER C 8 -32.02 -11.12 -7.23
N ASN C 9 -32.82 -11.08 -6.20
CA ASN C 9 -32.44 -11.67 -4.91
C ASN C 9 -33.36 -12.91 -4.73
N PHE C 10 -32.89 -14.06 -5.21
CA PHE C 10 -33.78 -15.22 -5.36
C PHE C 10 -33.91 -15.98 -4.03
N GLU C 11 -35.12 -16.39 -3.66
CA GLU C 11 -35.31 -17.00 -2.33
C GLU C 11 -34.47 -18.26 -2.18
N ARG C 12 -33.82 -18.37 -1.01
CA ARG C 12 -32.94 -19.47 -0.63
C ARG C 12 -31.62 -19.53 -1.44
N ASP C 13 -31.42 -18.62 -2.39
CA ASP C 13 -30.05 -18.48 -2.98
C ASP C 13 -29.16 -17.68 -2.00
N PHE C 14 -27.87 -17.53 -2.32
CA PHE C 14 -26.90 -16.83 -1.44
C PHE C 14 -26.45 -15.48 -1.94
N VAL C 15 -26.87 -15.12 -3.16
CA VAL C 15 -26.28 -14.01 -3.88
C VAL C 15 -27.32 -13.29 -4.74
N ILE C 16 -27.17 -11.97 -4.86
CA ILE C 16 -28.01 -11.11 -5.75
C ILE C 16 -27.34 -11.02 -7.10
N GLN C 17 -28.15 -11.13 -8.17
CA GLN C 17 -27.59 -11.21 -9.52
C GLN C 17 -28.27 -10.22 -10.45
N LEU C 18 -27.51 -9.82 -11.46
CA LEU C 18 -27.98 -8.94 -12.47
C LEU C 18 -28.84 -9.80 -13.39
N VAL C 19 -30.10 -9.40 -13.57
CA VAL C 19 -30.98 -10.07 -14.58
C VAL C 19 -31.65 -9.05 -15.51
N PRO C 20 -31.24 -9.06 -16.81
CA PRO C 20 -31.98 -8.20 -17.78
C PRO C 20 -33.39 -8.74 -17.94
N VAL C 21 -34.39 -7.87 -17.83
CA VAL C 21 -35.81 -8.24 -18.09
C VAL C 21 -36.34 -7.31 -19.20
N ASP C 22 -37.60 -7.47 -19.63
CA ASP C 22 -38.15 -6.56 -20.68
C ASP C 22 -39.22 -5.68 -20.04
N THR C 23 -39.31 -4.40 -20.38
CA THR C 23 -40.39 -3.51 -19.82
C THR C 23 -41.83 -4.06 -20.10
N GLU C 24 -41.96 -4.91 -21.09
CA GLU C 24 -43.24 -5.55 -21.34
C GLU C 24 -43.45 -6.90 -20.62
N ASP C 25 -42.47 -7.41 -19.87
CA ASP C 25 -42.67 -8.68 -19.18
C ASP C 25 -43.73 -8.51 -18.09
N THR C 26 -44.58 -9.53 -17.86
CA THR C 26 -45.31 -9.62 -16.58
C THR C 26 -44.34 -10.00 -15.43
N MET C 27 -44.78 -9.84 -14.19
CA MET C 27 -44.05 -10.42 -13.09
C MET C 27 -43.74 -11.92 -13.19
N ASP C 28 -44.70 -12.70 -13.74
CA ASP C 28 -44.50 -14.10 -13.95
C ASP C 28 -43.30 -14.31 -14.87
N GLN C 29 -43.18 -13.48 -15.91
CA GLN C 29 -42.10 -13.63 -16.88
C GLN C 29 -40.76 -13.09 -16.30
N VAL C 30 -40.86 -12.08 -15.43
CA VAL C 30 -39.66 -11.63 -14.65
C VAL C 30 -39.14 -12.78 -13.76
N ALA C 31 -40.04 -13.47 -13.08
CA ALA C 31 -39.61 -14.55 -12.18
C ALA C 31 -38.93 -15.69 -12.97
N GLU C 32 -39.46 -16.01 -14.15
CA GLU C 32 -38.91 -17.09 -14.96
C GLU C 32 -37.49 -16.69 -15.40
N LYS C 33 -37.30 -15.42 -15.74
CA LYS C 33 -35.96 -14.98 -16.19
C LYS C 33 -34.96 -15.00 -15.02
N CYS C 34 -35.43 -14.65 -13.82
CA CYS C 34 -34.65 -14.79 -12.60
C CYS C 34 -34.36 -16.26 -12.18
N ALA C 35 -35.38 -17.13 -12.26
CA ALA C 35 -35.21 -18.58 -11.95
C ALA C 35 -34.09 -19.22 -12.72
N TYR C 36 -33.98 -18.87 -13.99
CA TYR C 36 -32.98 -19.43 -14.89
C TYR C 36 -31.55 -19.38 -14.25
N HIS C 37 -31.32 -18.31 -13.46
CA HIS C 37 -30.01 -18.06 -12.84
C HIS C 37 -29.89 -18.60 -11.44
N SER C 38 -30.95 -19.19 -10.91
CA SER C 38 -30.90 -19.76 -9.56
C SER C 38 -31.44 -21.18 -9.48
N ILE C 39 -32.65 -21.41 -10.03
CA ILE C 39 -33.29 -22.75 -9.89
C ILE C 39 -32.42 -23.75 -10.64
N ASN C 40 -32.17 -24.90 -10.00
CA ASN C 40 -31.27 -25.92 -10.60
C ASN C 40 -29.78 -25.49 -10.77
N ARG C 41 -29.42 -24.38 -10.15
CA ARG C 41 -28.02 -24.01 -10.08
C ARG C 41 -27.59 -24.08 -8.63
N ARG C 42 -28.30 -23.34 -7.78
CA ARG C 42 -28.03 -23.36 -6.39
C ARG C 42 -29.30 -23.44 -5.57
N VAL C 43 -30.47 -23.51 -6.21
CA VAL C 43 -31.76 -23.62 -5.46
C VAL C 43 -32.59 -24.76 -6.09
N HIS C 44 -33.21 -25.59 -5.23
CA HIS C 44 -34.05 -26.73 -5.68
C HIS C 44 -35.37 -26.21 -6.20
N PRO C 45 -35.86 -26.73 -7.34
CA PRO C 45 -37.26 -26.40 -7.72
C PRO C 45 -38.25 -26.64 -6.57
N GLN C 46 -39.35 -25.90 -6.55
CA GLN C 46 -40.49 -26.18 -5.68
C GLN C 46 -41.79 -26.20 -6.55
N PRO C 47 -42.01 -27.29 -7.34
CA PRO C 47 -43.15 -27.32 -8.29
C PRO C 47 -44.55 -27.15 -7.66
N GLU C 48 -44.70 -27.33 -6.35
CA GLU C 48 -45.96 -27.03 -5.68
C GLU C 48 -46.18 -25.53 -5.35
N LYS C 49 -45.26 -24.65 -5.76
CA LYS C 49 -45.25 -23.25 -5.34
C LYS C 49 -45.32 -22.33 -6.54
N ILE C 50 -45.69 -21.08 -6.31
CA ILE C 50 -45.68 -20.09 -7.38
C ILE C 50 -44.66 -19.01 -7.02
N LEU C 51 -43.84 -18.65 -8.00
CA LEU C 51 -42.83 -17.58 -7.87
C LEU C 51 -43.51 -16.21 -7.95
N ARG C 52 -43.25 -15.37 -6.96
CA ARG C 52 -43.80 -14.01 -6.92
C ARG C 52 -42.68 -12.99 -6.85
N VAL C 53 -42.96 -11.76 -7.28
CA VAL C 53 -41.96 -10.68 -7.27
C VAL C 53 -42.31 -9.59 -6.24
N ARG C 54 -41.38 -9.31 -5.34
CA ARG C 54 -41.54 -8.14 -4.48
C ARG C 54 -40.35 -7.16 -4.42
N ARG C 55 -40.66 -5.87 -4.36
CA ARG C 55 -39.68 -4.82 -4.24
C ARG C 55 -38.87 -5.02 -2.94
N HIS C 56 -37.56 -5.24 -3.13
CA HIS C 56 -36.73 -5.53 -1.97
C HIS C 56 -36.80 -4.47 -0.91
N GLU C 57 -36.71 -3.21 -1.36
CA GLU C 57 -36.60 -2.09 -0.45
C GLU C 57 -37.77 -1.92 0.53
N ASP C 58 -39.00 -1.95 0.03
CA ASP C 58 -40.16 -1.77 0.95
C ASP C 58 -41.07 -2.99 1.17
N GLY C 59 -40.80 -4.08 0.44
CA GLY C 59 -41.51 -5.36 0.63
C GLY C 59 -42.83 -5.39 -0.12
N THR C 60 -42.99 -4.52 -1.12
CA THR C 60 -44.26 -4.42 -1.89
C THR C 60 -44.34 -5.64 -2.79
N LEU C 61 -45.44 -6.39 -2.64
CA LEU C 61 -45.72 -7.55 -3.51
C LEU C 61 -46.39 -7.14 -4.82
N PHE C 62 -45.78 -7.46 -5.96
CA PHE C 62 -46.41 -7.18 -7.26
C PHE C 62 -47.33 -8.35 -7.69
N PRO C 63 -48.53 -8.03 -8.24
CA PRO C 63 -49.37 -9.15 -8.79
C PRO C 63 -48.65 -9.87 -9.96
N ARG C 64 -49.03 -11.12 -10.19
CA ARG C 64 -48.41 -11.97 -11.19
C ARG C 64 -48.45 -11.32 -12.55
N GLY C 65 -49.58 -10.70 -12.87
CA GLY C 65 -49.91 -10.25 -14.24
C GLY C 65 -49.47 -8.79 -14.45
N MET C 66 -49.12 -8.08 -13.38
CA MET C 66 -48.69 -6.68 -13.56
C MET C 66 -47.38 -6.61 -14.37
N ILE C 67 -47.29 -5.68 -15.33
CA ILE C 67 -46.04 -5.61 -16.14
C ILE C 67 -44.98 -4.58 -15.67
N VAL C 68 -43.72 -4.83 -16.06
CA VAL C 68 -42.54 -4.10 -15.53
C VAL C 68 -42.74 -2.59 -15.73
N SER C 69 -43.18 -2.23 -16.95
CA SER C 69 -43.62 -0.86 -17.33
C SER C 69 -44.48 -0.10 -16.31
N ASP C 70 -45.30 -0.82 -15.56
CA ASP C 70 -46.31 -0.21 -14.69
C ASP C 70 -45.89 -0.26 -13.24
N ALA C 71 -44.75 -0.88 -13.00
CA ALA C 71 -44.31 -1.23 -11.64
C ALA C 71 -43.55 -0.11 -10.93
N GLY C 72 -43.16 0.95 -11.64
CA GLY C 72 -42.47 2.07 -11.00
C GLY C 72 -41.07 1.66 -10.49
N LEU C 73 -40.35 0.85 -11.27
CA LEU C 73 -39.04 0.45 -10.75
C LEU C 73 -37.96 1.41 -11.24
N ARG C 74 -36.96 1.60 -10.37
CA ARG C 74 -35.68 2.26 -10.79
C ARG C 74 -34.79 1.29 -11.55
N PRO C 75 -34.07 1.79 -12.57
CA PRO C 75 -33.13 0.88 -13.23
C PRO C 75 -32.19 0.16 -12.20
N THR C 76 -32.08 -1.18 -12.27
CA THR C 76 -31.18 -1.87 -11.36
C THR C 76 -31.89 -2.10 -9.98
N GLU C 77 -33.11 -1.64 -9.80
CA GLU C 77 -33.89 -1.96 -8.59
C GLU C 77 -33.73 -3.43 -8.15
N THR C 78 -33.63 -3.67 -6.84
CA THR C 78 -33.46 -5.03 -6.35
C THR C 78 -34.84 -5.66 -6.08
N LEU C 79 -35.06 -6.84 -6.62
CA LEU C 79 -36.34 -7.55 -6.54
C LEU C 79 -36.14 -8.90 -5.82
N ASP C 80 -36.97 -9.17 -4.81
CA ASP C 80 -37.02 -10.50 -4.18
C ASP C 80 -37.93 -11.39 -5.08
N ILE C 81 -37.47 -12.61 -5.35
CA ILE C 81 -38.23 -13.57 -6.09
C ILE C 81 -38.52 -14.69 -5.08
N ILE C 82 -39.75 -14.76 -4.59
CA ILE C 82 -40.09 -15.65 -3.51
C ILE C 82 -41.08 -16.78 -3.92
N PHE C 83 -41.03 -17.89 -3.16
CA PHE C 83 -41.97 -19.01 -3.32
C PHE C 83 -43.24 -18.74 -2.54
N MET C 84 -44.36 -18.66 -3.24
CA MET C 84 -45.69 -18.59 -2.58
C MET C 84 -46.71 -19.67 -3.03
N ASP C 85 -47.76 -19.86 -2.22
CA ASP C 85 -48.89 -20.75 -2.57
C ASP C 85 -49.70 -20.09 -3.65
N ASN C 86 -49.66 -18.76 -3.69
CA ASN C 86 -50.42 -17.97 -4.68
C ASN C 86 -49.62 -16.86 -5.35
C1 EDO D . 0.61 -3.68 3.01
O1 EDO D . -0.21 -4.79 3.42
C2 EDO D . 1.46 -3.18 4.17
O2 EDO D . 2.34 -4.15 4.76
FE FE E . 4.37 -4.95 4.31
FE FE F . 3.27 -3.12 6.56
OH2 1PE G . -17.54 -12.45 -8.22
C12 1PE G . -17.61 -12.06 -9.63
C22 1PE G . -18.00 -10.60 -9.86
OH3 1PE G . -17.45 -10.14 -11.10
C13 1PE G . -17.37 -10.70 -13.33
C23 1PE G . -18.27 -10.12 -12.25
OH4 1PE G . -17.97 -10.31 -14.56
C14 1PE G . -18.98 -12.47 -15.40
C24 1PE G . -18.09 -11.27 -15.63
OH5 1PE G . -18.18 -13.48 -16.06
C15 1PE G . -17.75 -15.57 -16.91
C25 1PE G . -18.59 -14.81 -15.88
OH6 1PE G . -18.16 -16.95 -16.87
C16 1PE G . -18.25 -19.16 -17.74
C26 1PE G . -17.65 -17.77 -17.96
OH7 1PE G . -17.52 -20.21 -18.42
#